data_5MVZ
#
_entry.id   5MVZ
#
_cell.length_a   111.041
_cell.length_b   158.385
_cell.length_c   153.437
_cell.angle_alpha   90.00
_cell.angle_beta   90.00
_cell.angle_gamma   90.00
#
_symmetry.space_group_name_H-M   'C 2 2 21'
#
loop_
_entity.id
_entity.type
_entity.pdbx_description
1 polymer 'Fab 4AB007 H-chain'
2 polymer 'Fab 4AB007 L-chain'
3 polymer 'Interleukin-1 beta'
4 non-polymer GLYCEROL
5 water water
#
loop_
_entity_poly.entity_id
_entity_poly.type
_entity_poly.pdbx_seq_one_letter_code
_entity_poly.pdbx_strand_id
1 'polypeptide(L)'
;MGSTAILALLLAVLQGVCAEVQLVESGAEVKKPGESLKISCKGSGYTFTSYWIGWVRQMPGKGLEWMGIIYPGDSDTRYS
PSFQGQVTISADKSISTAYLQWSSLKASDTAMYYCARFVSLDAFDIWGQGTMVTVSSASTKGPSVFPLAPSSKSTSGGTA
ALGCLVKDYFPEPVTVSWNSGALTSGVHTFPAVLQSSGLYSLSSVVTVPSSSLGTQTYICNVNHKPSNTKVDKRVEPKSC
;
H,A
2 'polypeptide(L)'
;MEAPAQLLFLLLLWLPDTTGEIVLTQSPATLSLSPGERATLSCRASQSVSSYLAWYQQKPGQAPRLLIYDASNRATGIPA
RFSGSGSGTDFTLTISSLEPEDFAVYYCQQRSNWLWTFGQGTKVEIKRSVAAPSVFIFPPSDEQLKSGTASVVCLLNNFY
PREAKVQWKVDNALQSGNSQESVTEQDSKDSTYSLSSTLTLSKADYEKHKVYACEVTHQGLSSPVTKSFNRGECENLYFQ
GHHHHHHHH
;
L,B
3 'polypeptide(L)'
;MAHHHHHHHHHHHHPAGENLYFQGAPVRSLNCTLRDSQQKSLVMSGPYELKALHLQGQDMEQQVVFSMSFVQGEESNDKI
PVALGLKEKNLYLSCVLKDDKPTLQLESVDPKNYPKKKMEKRFVFNKIEINNKLEFESAQFPNWYISTSQAENMPVFLGG
TKGGQDITDFTMQFVSS
;
U,V
#
loop_
_chem_comp.id
_chem_comp.type
_chem_comp.name
_chem_comp.formula
GOL non-polymer GLYCEROL 'C3 H8 O3'
#
# COMPACT_ATOMS: atom_id res chain seq x y z
N GLU A 20 -4.31 -15.81 -2.41
CA GLU A 20 -3.80 -15.46 -3.76
C GLU A 20 -2.28 -15.29 -3.73
N VAL A 21 -1.61 -15.59 -4.83
CA VAL A 21 -0.19 -15.31 -4.97
C VAL A 21 -0.04 -13.86 -5.40
N GLN A 22 0.88 -13.13 -4.77
CA GLN A 22 0.87 -11.67 -4.89
C GLN A 22 2.25 -11.10 -4.75
N LEU A 23 2.46 -10.00 -5.46
CA LEU A 23 3.55 -9.08 -5.20
C LEU A 23 2.93 -7.68 -5.19
N VAL A 24 3.24 -6.92 -4.13
CA VAL A 24 2.73 -5.58 -3.90
C VAL A 24 3.92 -4.63 -3.81
N GLU A 25 3.95 -3.62 -4.69
CA GLU A 25 4.97 -2.59 -4.67
C GLU A 25 4.54 -1.39 -3.85
N SER A 26 5.51 -0.56 -3.47
CA SER A 26 5.23 0.66 -2.75
C SER A 26 4.72 1.69 -3.70
N GLY A 27 4.24 2.79 -3.12
CA GLY A 27 3.54 3.81 -3.83
C GLY A 27 4.41 4.72 -4.66
N ALA A 28 3.73 5.52 -5.47
CA ALA A 28 4.37 6.44 -6.42
C ALA A 28 5.31 7.41 -5.73
N GLU A 29 6.44 7.69 -6.38
CA GLU A 29 7.45 8.58 -5.81
C GLU A 29 7.67 9.74 -6.75
N VAL A 30 7.75 10.92 -6.18
CA VAL A 30 8.12 12.12 -6.87
C VAL A 30 9.28 12.69 -6.08
N LYS A 31 10.44 12.78 -6.72
CA LYS A 31 11.66 13.14 -6.03
C LYS A 31 12.36 14.18 -6.84
N LYS A 32 13.32 14.85 -6.20
CA LYS A 32 14.19 15.79 -6.87
C LYS A 32 15.43 15.05 -7.32
N PRO A 33 16.16 15.60 -8.31
CA PRO A 33 17.44 15.00 -8.70
C PRO A 33 18.50 15.14 -7.60
N GLY A 34 19.42 14.20 -7.54
CA GLY A 34 20.41 14.13 -6.47
C GLY A 34 19.92 13.37 -5.25
N GLU A 35 18.60 13.25 -5.07
CA GLU A 35 18.07 12.43 -3.97
C GLU A 35 18.24 10.91 -4.13
N SER A 36 18.32 10.25 -2.98
CA SER A 36 18.39 8.80 -2.88
C SER A 36 16.97 8.26 -2.86
N LEU A 37 16.79 7.03 -3.28
CA LEU A 37 15.47 6.44 -3.25
C LEU A 37 15.56 4.96 -3.19
N LYS A 38 14.68 4.36 -2.38
CA LYS A 38 14.56 2.94 -2.31
C LYS A 38 13.09 2.59 -2.44
N ILE A 39 12.79 1.67 -3.36
CA ILE A 39 11.44 1.20 -3.52
C ILE A 39 11.43 -0.27 -3.22
N SER A 40 10.23 -0.75 -2.90
CA SER A 40 10.08 -2.06 -2.37
C SER A 40 8.98 -2.88 -3.07
N CYS A 41 9.10 -4.19 -2.92
CA CYS A 41 8.29 -5.17 -3.62
C CYS A 41 8.09 -6.31 -2.65
N LYS A 42 6.87 -6.50 -2.17
CA LYS A 42 6.60 -7.48 -1.11
C LYS A 42 5.68 -8.63 -1.54
N GLY A 43 6.16 -9.86 -1.44
CA GLY A 43 5.41 -11.03 -1.86
C GLY A 43 4.60 -11.65 -0.74
N SER A 44 3.51 -12.32 -1.10
CA SER A 44 2.75 -13.07 -0.15
C SER A 44 2.00 -14.17 -0.87
N GLY A 45 1.56 -15.19 -0.13
CA GLY A 45 0.88 -16.35 -0.71
C GLY A 45 1.82 -17.43 -1.22
N TYR A 46 3.12 -17.25 -1.09
CA TYR A 46 4.07 -18.26 -1.52
C TYR A 46 5.37 -18.05 -0.74
N THR A 47 6.36 -18.95 -0.86
CA THR A 47 7.66 -18.75 -0.23
C THR A 47 8.51 -17.75 -1.00
N PHE A 48 8.74 -16.57 -0.43
CA PHE A 48 9.54 -15.53 -1.08
C PHE A 48 10.99 -15.92 -1.31
N THR A 49 11.51 -16.84 -0.48
CA THR A 49 12.92 -17.20 -0.51
C THR A 49 13.26 -18.15 -1.63
N SER A 50 12.26 -18.90 -2.10
CA SER A 50 12.41 -19.92 -3.14
C SER A 50 12.41 -19.46 -4.62
N TYR A 51 12.06 -18.21 -4.92
CA TYR A 51 11.90 -17.76 -6.32
C TYR A 51 12.64 -16.48 -6.59
N TRP A 52 13.30 -16.44 -7.74
CA TRP A 52 13.95 -15.23 -8.19
C TRP A 52 12.92 -14.10 -8.46
N ILE A 53 13.37 -12.88 -8.33
CA ILE A 53 12.52 -11.69 -8.41
C ILE A 53 13.31 -10.75 -9.28
N GLY A 54 12.64 -10.21 -10.30
CA GLY A 54 13.32 -9.27 -11.19
C GLY A 54 12.70 -7.90 -11.04
N TRP A 55 13.50 -6.90 -11.38
CA TRP A 55 13.08 -5.55 -11.54
C TRP A 55 13.18 -5.24 -13.04
N VAL A 56 12.18 -4.50 -13.52
CA VAL A 56 12.00 -4.17 -14.92
C VAL A 56 11.68 -2.69 -14.99
N ARG A 57 12.33 -1.99 -15.92
CA ARG A 57 12.04 -0.60 -16.17
C ARG A 57 11.20 -0.37 -17.40
N GLN A 58 10.27 0.59 -17.30
CA GLN A 58 9.51 1.04 -18.43
C GLN A 58 9.39 2.56 -18.43
N MET A 59 10.12 3.18 -19.34
CA MET A 59 10.07 4.62 -19.56
C MET A 59 8.77 5.00 -20.20
N PRO A 60 8.34 6.26 -20.01
CA PRO A 60 7.06 6.70 -20.54
C PRO A 60 6.99 6.45 -22.05
N GLY A 61 5.95 5.73 -22.46
CA GLY A 61 5.75 5.37 -23.84
C GLY A 61 6.67 4.32 -24.41
N LYS A 62 7.43 3.63 -23.57
CA LYS A 62 8.48 2.76 -24.09
C LYS A 62 8.26 1.30 -23.71
N GLY A 63 9.25 0.46 -24.01
CA GLY A 63 9.21 -0.98 -23.78
C GLY A 63 9.76 -1.34 -22.42
N LEU A 64 9.78 -2.64 -22.16
CA LEU A 64 10.19 -3.20 -20.91
C LEU A 64 11.65 -3.45 -21.08
N GLU A 65 12.42 -3.18 -20.03
CA GLU A 65 13.86 -3.36 -20.00
C GLU A 65 14.24 -4.06 -18.68
N TRP A 66 15.01 -5.13 -18.77
CA TRP A 66 15.33 -5.89 -17.57
C TRP A 66 16.53 -5.23 -16.93
N MET A 67 16.38 -4.95 -15.65
CA MET A 67 17.38 -4.25 -14.84
C MET A 67 18.25 -5.24 -14.05
N GLY A 68 17.65 -6.19 -13.37
CA GLY A 68 18.44 -7.07 -12.51
C GLY A 68 17.50 -8.07 -11.88
N ILE A 69 18.07 -9.01 -11.14
CA ILE A 69 17.36 -10.16 -10.60
C ILE A 69 18.01 -10.58 -9.27
N ILE A 70 17.22 -11.05 -8.31
CA ILE A 70 17.78 -11.49 -7.03
C ILE A 70 17.03 -12.69 -6.46
N TYR A 71 17.81 -13.60 -5.87
CA TYR A 71 17.27 -14.78 -5.25
C TYR A 71 17.16 -14.43 -3.77
N PRO A 72 15.94 -14.34 -3.23
CA PRO A 72 15.81 -13.80 -1.88
C PRO A 72 16.43 -14.67 -0.79
N GLY A 73 16.23 -15.98 -0.86
CA GLY A 73 16.93 -16.88 0.07
C GLY A 73 18.35 -16.44 0.42
N ASP A 74 19.24 -16.33 -0.57
CA ASP A 74 20.66 -16.05 -0.31
C ASP A 74 21.13 -14.72 -0.87
N SER A 75 20.18 -13.92 -1.34
CA SER A 75 20.47 -12.61 -1.96
C SER A 75 21.49 -12.70 -3.08
N ASP A 76 21.55 -13.82 -3.78
CA ASP A 76 22.32 -13.88 -5.04
C ASP A 76 21.73 -12.85 -6.02
N THR A 77 22.57 -11.92 -6.51
CA THR A 77 22.11 -10.81 -7.33
C THR A 77 22.90 -10.73 -8.65
N ARG A 78 22.17 -10.70 -9.77
CA ARG A 78 22.75 -10.46 -11.08
C ARG A 78 22.10 -9.25 -11.74
N TYR A 79 22.91 -8.44 -12.42
CA TYR A 79 22.47 -7.19 -12.97
C TYR A 79 22.58 -7.25 -14.48
N SER A 80 21.82 -6.39 -15.14
CA SER A 80 21.97 -6.21 -16.54
C SER A 80 23.17 -5.30 -16.73
N PRO A 81 23.97 -5.54 -17.79
CA PRO A 81 25.19 -4.75 -17.97
C PRO A 81 24.93 -3.26 -18.06
N SER A 82 23.74 -2.85 -18.51
CA SER A 82 23.44 -1.42 -18.66
C SER A 82 22.96 -0.80 -17.35
N PHE A 83 22.76 -1.65 -16.35
CA PHE A 83 22.35 -1.21 -15.02
C PHE A 83 23.37 -1.61 -13.91
N GLN A 84 24.38 -2.40 -14.21
CA GLN A 84 25.48 -2.62 -13.26
C GLN A 84 25.99 -1.27 -12.74
N GLY A 85 26.04 -1.13 -11.44
CA GLY A 85 26.62 0.07 -10.83
C GLY A 85 25.75 1.32 -10.90
N GLN A 86 24.60 1.26 -11.56
CA GLN A 86 23.68 2.42 -11.52
C GLN A 86 22.64 2.27 -10.39
N VAL A 87 22.38 1.04 -9.97
CA VAL A 87 21.37 0.74 -8.97
C VAL A 87 21.84 -0.40 -8.10
N THR A 88 21.20 -0.58 -6.94
CA THR A 88 21.40 -1.75 -6.10
C THR A 88 20.07 -2.46 -5.84
N ILE A 89 20.06 -3.77 -5.94
CA ILE A 89 18.88 -4.61 -5.71
C ILE A 89 19.13 -5.44 -4.47
N SER A 90 18.21 -5.36 -3.51
CA SER A 90 18.39 -6.04 -2.21
C SER A 90 17.10 -6.71 -1.78
N ALA A 91 17.19 -7.45 -0.69
CA ALA A 91 16.06 -8.21 -0.18
C ALA A 91 16.15 -8.42 1.32
N ASP A 92 15.00 -8.38 1.97
CA ASP A 92 14.87 -8.77 3.36
C ASP A 92 13.88 -9.91 3.48
N LYS A 93 14.42 -11.12 3.60
CA LYS A 93 13.64 -12.33 3.67
C LYS A 93 12.68 -12.33 4.85
N SER A 94 13.05 -11.69 5.96
CA SER A 94 12.16 -11.62 7.15
C SER A 94 10.92 -10.80 6.88
N ILE A 95 11.00 -9.85 5.95
CA ILE A 95 9.80 -9.11 5.52
C ILE A 95 9.22 -9.63 4.21
N SER A 96 9.85 -10.67 3.63
CA SER A 96 9.50 -11.14 2.27
C SER A 96 9.53 -9.97 1.28
N THR A 97 10.59 -9.16 1.29
CA THR A 97 10.59 -7.92 0.50
C THR A 97 11.88 -7.72 -0.27
N ALA A 98 11.75 -7.39 -1.56
CA ALA A 98 12.90 -7.04 -2.36
C ALA A 98 12.81 -5.59 -2.62
N TYR A 99 13.95 -5.00 -2.96
CA TYR A 99 14.07 -3.57 -3.00
C TYR A 99 14.81 -3.21 -4.23
N LEU A 100 14.72 -1.94 -4.64
CA LEU A 100 15.56 -1.39 -5.71
C LEU A 100 15.90 0.00 -5.31
N GLN A 101 17.12 0.43 -5.51
CA GLN A 101 17.53 1.73 -4.96
C GLN A 101 18.53 2.51 -5.78
N TRP A 102 18.41 3.82 -5.71
CA TRP A 102 19.34 4.71 -6.34
C TRP A 102 20.00 5.62 -5.27
N SER A 103 21.26 5.99 -5.49
CA SER A 103 22.02 6.87 -4.59
C SER A 103 21.76 8.33 -4.93
N SER A 104 21.88 8.62 -6.23
CA SER A 104 21.58 9.91 -6.77
C SER A 104 20.70 9.85 -8.04
N LEU A 105 19.39 10.02 -7.87
CA LEU A 105 18.45 10.09 -9.02
C LEU A 105 18.67 11.22 -10.03
N LYS A 106 18.55 10.90 -11.32
CA LYS A 106 18.43 11.89 -12.38
C LYS A 106 17.02 11.88 -12.94
N ALA A 107 16.71 12.90 -13.73
CA ALA A 107 15.41 13.03 -14.38
C ALA A 107 15.13 11.81 -15.28
N SER A 108 16.16 11.36 -16.00
CA SER A 108 16.05 10.18 -16.87
C SER A 108 15.69 8.88 -16.15
N ASP A 109 15.66 8.88 -14.82
CA ASP A 109 15.21 7.69 -14.09
C ASP A 109 13.70 7.67 -13.98
N THR A 110 13.07 8.78 -14.39
CA THR A 110 11.65 8.86 -14.48
C THR A 110 11.04 7.74 -15.30
N ALA A 111 10.30 6.89 -14.63
CA ALA A 111 9.79 5.70 -15.29
C ALA A 111 8.86 4.99 -14.38
N MET A 112 8.20 3.98 -14.94
CA MET A 112 7.48 2.99 -14.16
C MET A 112 8.45 1.83 -13.91
N TYR A 113 8.49 1.30 -12.68
CA TYR A 113 9.33 0.14 -12.29
C TYR A 113 8.44 -0.97 -11.76
N TYR A 114 8.63 -2.16 -12.30
CA TYR A 114 7.88 -3.33 -11.94
C TYR A 114 8.83 -4.30 -11.27
N CYS A 115 8.27 -5.12 -10.37
CA CYS A 115 8.97 -6.30 -9.87
C CYS A 115 8.14 -7.45 -10.32
N ALA A 116 8.77 -8.59 -10.55
CA ALA A 116 8.07 -9.75 -11.11
C ALA A 116 8.79 -11.01 -10.65
N ARG A 117 8.05 -12.10 -10.47
CA ARG A 117 8.65 -13.38 -10.10
C ARG A 117 8.99 -14.22 -11.33
N PHE A 118 10.24 -14.70 -11.40
CA PHE A 118 10.73 -15.52 -12.51
C PHE A 118 10.79 -16.98 -12.10
N VAL A 119 9.93 -17.80 -12.70
CA VAL A 119 9.84 -19.23 -12.42
C VAL A 119 10.59 -20.11 -13.45
N SER A 120 10.80 -21.40 -13.14
CA SER A 120 11.76 -22.26 -13.90
C SER A 120 11.32 -22.58 -15.32
N LEU A 121 10.01 -22.52 -15.53
CA LEU A 121 9.46 -22.62 -16.87
C LEU A 121 9.85 -21.40 -17.74
N ASP A 122 10.69 -20.51 -17.17
CA ASP A 122 11.46 -19.52 -17.88
C ASP A 122 10.58 -18.31 -18.30
N ALA A 123 9.83 -17.80 -17.31
CA ALA A 123 9.03 -16.59 -17.52
C ALA A 123 8.79 -15.87 -16.21
N PHE A 124 8.41 -14.60 -16.35
CA PHE A 124 7.84 -13.85 -15.26
C PHE A 124 6.34 -14.08 -15.17
N ASP A 125 5.94 -14.84 -14.14
CA ASP A 125 4.60 -15.34 -14.05
C ASP A 125 3.72 -14.49 -13.18
N ILE A 126 4.29 -13.79 -12.21
CA ILE A 126 3.49 -12.87 -11.42
C ILE A 126 4.17 -11.52 -11.33
N TRP A 127 3.43 -10.46 -11.58
CA TRP A 127 4.02 -9.10 -11.63
C TRP A 127 3.44 -8.26 -10.53
N GLY A 128 4.23 -7.33 -10.00
CA GLY A 128 3.67 -6.28 -9.16
C GLY A 128 2.87 -5.26 -9.97
N GLN A 129 2.13 -4.40 -9.25
CA GLN A 129 1.31 -3.36 -9.89
C GLN A 129 2.11 -2.20 -10.44
N GLY A 130 3.40 -2.16 -10.14
CA GLY A 130 4.29 -1.12 -10.64
C GLY A 130 4.40 0.04 -9.65
N THR A 131 5.50 0.78 -9.75
CA THR A 131 5.66 2.00 -9.01
C THR A 131 6.24 3.01 -9.95
N MET A 132 5.57 4.16 -10.00
CA MET A 132 5.97 5.23 -10.83
C MET A 132 6.93 6.10 -10.03
N VAL A 133 8.02 6.48 -10.70
CA VAL A 133 9.02 7.35 -10.13
C VAL A 133 9.17 8.50 -11.09
N THR A 134 9.01 9.71 -10.57
CA THR A 134 9.14 10.94 -11.33
C THR A 134 10.17 11.75 -10.65
N VAL A 135 11.20 12.13 -11.40
CA VAL A 135 12.31 12.91 -10.89
C VAL A 135 12.30 14.26 -11.56
N SER A 136 12.01 15.30 -10.77
CA SER A 136 11.97 16.69 -11.21
C SER A 136 12.37 17.60 -10.04
N SER A 137 12.84 18.81 -10.36
CA SER A 137 13.17 19.77 -9.34
C SER A 137 11.97 20.66 -9.05
N ALA A 138 10.88 20.44 -9.78
CA ALA A 138 9.69 21.24 -9.64
C ALA A 138 9.02 20.95 -8.30
N SER A 139 8.37 21.97 -7.75
CA SER A 139 7.60 21.85 -6.53
C SER A 139 6.16 21.61 -6.91
N THR A 140 5.42 20.98 -6.00
CA THR A 140 4.05 20.65 -6.22
C THR A 140 3.34 21.97 -6.41
N LYS A 141 2.44 22.03 -7.40
CA LYS A 141 1.73 23.25 -7.74
C LYS A 141 0.39 22.92 -8.34
N GLY A 142 -0.66 23.52 -7.82
CA GLY A 142 -2.00 23.30 -8.34
C GLY A 142 -2.22 24.04 -9.66
N PRO A 143 -3.17 23.55 -10.48
CA PRO A 143 -3.29 24.15 -11.80
C PRO A 143 -4.16 25.39 -11.86
N SER A 144 -3.87 26.30 -12.78
CA SER A 144 -4.87 27.26 -13.17
C SER A 144 -5.75 26.59 -14.21
N VAL A 145 -7.03 26.90 -14.20
CA VAL A 145 -7.98 26.22 -15.06
C VAL A 145 -8.70 27.29 -15.87
N PHE A 146 -8.62 27.21 -17.19
CA PHE A 146 -9.20 28.23 -18.06
C PHE A 146 -10.28 27.63 -18.99
N PRO A 147 -11.39 28.34 -19.21
CA PRO A 147 -12.45 27.82 -20.08
C PRO A 147 -12.03 27.81 -21.57
N LEU A 148 -12.59 26.92 -22.37
CA LEU A 148 -12.38 26.90 -23.83
C LEU A 148 -13.79 27.05 -24.37
N ALA A 149 -14.17 28.28 -24.69
CA ALA A 149 -15.56 28.62 -24.88
C ALA A 149 -16.07 28.10 -26.18
N PRO A 150 -17.30 27.58 -26.20
CA PRO A 150 -17.95 27.28 -27.46
C PRO A 150 -18.32 28.56 -28.23
N SER A 151 -18.31 28.45 -29.54
CA SER A 151 -18.58 29.55 -30.44
C SER A 151 -18.82 28.99 -31.85
N SER A 152 -18.86 29.87 -32.84
CA SER A 152 -18.91 29.43 -34.23
C SER A 152 -17.60 28.72 -34.65
N LYS A 153 -16.50 28.97 -33.94
CA LYS A 153 -15.22 28.35 -34.23
C LYS A 153 -15.15 26.90 -33.74
N SER A 154 -16.16 26.44 -32.99
CA SER A 154 -16.23 25.11 -32.43
C SER A 154 -17.57 24.42 -32.68
N THR A 155 -18.24 24.71 -33.80
CA THR A 155 -19.54 24.13 -34.11
C THR A 155 -19.47 23.30 -35.37
N SER A 156 -20.19 22.18 -35.39
CA SER A 156 -20.34 21.40 -36.60
C SER A 156 -21.61 20.59 -36.51
N GLY A 157 -22.44 20.68 -37.55
CA GLY A 157 -23.59 19.78 -37.73
C GLY A 157 -24.47 19.69 -36.51
N GLY A 158 -24.81 20.86 -35.96
CA GLY A 158 -25.71 20.92 -34.82
C GLY A 158 -25.06 20.71 -33.45
N THR A 159 -23.75 20.52 -33.41
CA THR A 159 -23.06 20.24 -32.15
C THR A 159 -21.96 21.25 -31.88
N ALA A 160 -21.70 21.48 -30.60
CA ALA A 160 -20.65 22.41 -30.20
C ALA A 160 -19.63 21.71 -29.32
N ALA A 161 -18.36 22.08 -29.46
CA ALA A 161 -17.29 21.56 -28.61
C ALA A 161 -16.89 22.67 -27.64
N LEU A 162 -16.65 22.29 -26.39
CA LEU A 162 -16.20 23.20 -25.33
C LEU A 162 -15.28 22.42 -24.41
N GLY A 163 -14.52 23.12 -23.58
CA GLY A 163 -13.56 22.47 -22.74
C GLY A 163 -13.04 23.34 -21.62
N CYS A 164 -12.02 22.78 -21.00
CA CYS A 164 -11.25 23.46 -19.99
C CYS A 164 -9.80 23.15 -20.23
N LEU A 165 -8.97 24.17 -20.23
CA LEU A 165 -7.55 23.96 -20.22
C LEU A 165 -6.97 23.95 -18.78
N VAL A 166 -6.26 22.88 -18.47
CA VAL A 166 -5.72 22.67 -17.14
C VAL A 166 -4.24 22.85 -17.16
N LYS A 167 -3.80 24.05 -16.83
CA LYS A 167 -2.45 24.49 -17.13
C LYS A 167 -1.53 24.70 -15.90
N ASP A 168 -0.30 24.20 -16.01
CA ASP A 168 0.79 24.49 -15.10
C ASP A 168 0.64 23.86 -13.71
N TYR A 169 0.59 22.53 -13.68
CA TYR A 169 0.48 21.80 -12.47
C TYR A 169 1.65 20.87 -12.38
N PHE A 170 1.88 20.37 -11.18
CA PHE A 170 2.90 19.37 -10.91
C PHE A 170 2.63 18.73 -9.54
N PRO A 171 2.84 17.40 -9.44
CA PRO A 171 3.09 16.52 -10.57
C PRO A 171 1.77 15.98 -11.11
N GLU A 172 1.85 15.02 -12.01
CA GLU A 172 0.68 14.27 -12.41
C GLU A 172 0.11 13.57 -11.17
N PRO A 173 -1.19 13.21 -11.20
CA PRO A 173 -2.13 13.51 -12.29
C PRO A 173 -3.24 14.46 -11.89
N VAL A 174 -4.00 14.94 -12.85
CA VAL A 174 -5.25 15.62 -12.57
C VAL A 174 -6.33 14.78 -13.14
N THR A 175 -7.53 14.84 -12.59
CA THR A 175 -8.67 14.18 -13.17
C THR A 175 -9.65 15.30 -13.45
N VAL A 176 -10.47 15.09 -14.47
CA VAL A 176 -11.46 16.08 -14.83
C VAL A 176 -12.75 15.35 -14.97
N SER A 177 -13.82 15.98 -14.49
CA SER A 177 -15.17 15.52 -14.72
C SER A 177 -15.93 16.71 -15.30
N TRP A 178 -17.15 16.44 -15.72
CA TRP A 178 -18.01 17.48 -16.25
C TRP A 178 -19.36 17.39 -15.52
N ASN A 179 -19.89 18.55 -15.11
CA ASN A 179 -21.15 18.57 -14.37
C ASN A 179 -21.24 17.47 -13.29
N SER A 180 -20.14 17.20 -12.59
CA SER A 180 -20.14 16.27 -11.45
C SER A 180 -20.39 14.81 -11.84
N GLY A 181 -19.98 14.47 -13.04
CA GLY A 181 -20.15 13.13 -13.55
C GLY A 181 -21.49 12.88 -14.23
N ALA A 182 -22.35 13.88 -14.26
CA ALA A 182 -23.60 13.79 -15.02
C ALA A 182 -23.38 13.71 -16.54
N LEU A 183 -22.25 14.26 -17.01
CA LEU A 183 -21.94 14.30 -18.45
C LEU A 183 -20.66 13.52 -18.77
N THR A 184 -20.80 12.38 -19.44
CA THR A 184 -19.66 11.54 -19.79
C THR A 184 -19.50 11.28 -21.29
N SER A 185 -20.61 11.37 -22.02
CA SER A 185 -20.63 11.19 -23.46
C SER A 185 -19.95 12.35 -24.15
N GLY A 186 -19.10 12.01 -25.12
CA GLY A 186 -18.48 13.00 -25.97
C GLY A 186 -17.31 13.67 -25.29
N VAL A 187 -16.93 13.19 -24.10
CA VAL A 187 -15.81 13.75 -23.32
C VAL A 187 -14.49 13.20 -23.78
N HIS A 188 -13.55 14.07 -24.06
CA HIS A 188 -12.23 13.66 -24.28
C HIS A 188 -11.31 14.39 -23.34
N THR A 189 -10.57 13.63 -22.57
CA THR A 189 -9.58 14.22 -21.67
C THR A 189 -8.26 13.74 -22.10
N PHE A 190 -7.38 14.66 -22.44
CA PHE A 190 -6.15 14.35 -23.15
C PHE A 190 -4.96 14.05 -22.25
N PRO A 191 -3.95 13.31 -22.77
CA PRO A 191 -2.75 13.12 -21.91
C PRO A 191 -2.09 14.44 -21.66
N ALA A 192 -1.43 14.57 -20.52
CA ALA A 192 -0.75 15.82 -20.22
C ALA A 192 0.52 15.92 -21.07
N VAL A 193 0.92 17.14 -21.36
CA VAL A 193 2.24 17.38 -21.92
C VAL A 193 3.13 18.03 -20.81
N LEU A 194 4.39 17.69 -20.81
CA LEU A 194 5.34 18.33 -19.94
C LEU A 194 5.87 19.56 -20.67
N GLN A 195 5.66 20.73 -20.10
CA GLN A 195 6.19 21.99 -20.64
C GLN A 195 7.66 22.16 -20.26
N SER A 196 8.40 22.99 -20.99
CA SER A 196 9.83 23.29 -20.65
C SER A 196 9.97 23.87 -19.24
N SER A 197 9.01 24.67 -18.87
CA SER A 197 8.67 24.95 -17.47
C SER A 197 8.90 23.83 -16.43
N GLY A 198 8.75 22.56 -16.83
CA GLY A 198 8.71 21.42 -15.89
C GLY A 198 7.32 21.20 -15.29
N LEU A 199 6.35 22.02 -15.71
CA LEU A 199 4.99 21.88 -15.28
C LEU A 199 4.16 21.32 -16.42
N TYR A 200 3.18 20.51 -16.08
CA TYR A 200 2.29 19.88 -17.02
C TYR A 200 1.09 20.77 -17.37
N SER A 201 0.40 20.36 -18.43
CA SER A 201 -0.77 21.04 -18.93
C SER A 201 -1.61 20.03 -19.73
N LEU A 202 -2.92 20.12 -19.62
CA LEU A 202 -3.76 19.23 -20.35
C LEU A 202 -5.07 19.90 -20.62
N SER A 203 -5.80 19.34 -21.58
CA SER A 203 -7.13 19.83 -21.90
C SER A 203 -8.15 18.72 -21.74
N SER A 204 -9.37 19.12 -21.43
CA SER A 204 -10.50 18.24 -21.47
C SER A 204 -11.57 18.92 -22.29
N VAL A 205 -12.16 18.19 -23.24
CA VAL A 205 -13.25 18.74 -24.05
C VAL A 205 -14.42 17.84 -24.05
N VAL A 206 -15.55 18.40 -24.37
CA VAL A 206 -16.77 17.67 -24.55
C VAL A 206 -17.54 18.33 -25.69
N THR A 207 -18.29 17.53 -26.43
CA THR A 207 -19.13 18.08 -27.48
C THR A 207 -20.57 17.87 -27.10
N VAL A 208 -21.36 18.93 -27.31
CA VAL A 208 -22.75 19.01 -26.90
C VAL A 208 -23.63 19.47 -28.08
N PRO A 209 -24.95 19.26 -28.00
CA PRO A 209 -25.88 19.95 -28.91
C PRO A 209 -25.73 21.45 -28.79
N SER A 210 -25.52 22.14 -29.90
CA SER A 210 -25.51 23.60 -29.88
C SER A 210 -26.78 24.23 -29.30
N SER A 211 -27.91 23.52 -29.38
CA SER A 211 -29.19 23.99 -28.86
C SER A 211 -29.25 23.96 -27.34
N SER A 212 -28.32 23.25 -26.71
CA SER A 212 -28.16 23.26 -25.22
C SER A 212 -27.39 24.46 -24.68
N LEU A 213 -26.65 25.16 -25.54
CA LEU A 213 -25.79 26.24 -25.09
C LEU A 213 -26.51 27.38 -24.36
N GLY A 214 -27.77 27.63 -24.73
CA GLY A 214 -28.58 28.64 -24.10
C GLY A 214 -29.26 28.19 -22.83
N THR A 215 -29.57 26.88 -22.77
CA THR A 215 -30.36 26.29 -21.68
C THR A 215 -29.56 25.52 -20.61
N GLN A 216 -28.41 24.96 -20.97
CA GLN A 216 -27.67 24.06 -20.06
C GLN A 216 -26.25 24.56 -19.73
N THR A 217 -25.99 24.76 -18.45
CA THR A 217 -24.67 25.19 -17.95
C THR A 217 -23.65 24.03 -17.99
N TYR A 218 -22.42 24.37 -18.33
CA TYR A 218 -21.38 23.38 -18.39
C TYR A 218 -20.23 23.73 -17.46
N ILE A 219 -19.86 22.75 -16.64
CA ILE A 219 -18.82 22.98 -15.62
C ILE A 219 -17.86 21.81 -15.65
N CYS A 220 -16.59 22.12 -15.76
CA CYS A 220 -15.58 21.12 -15.50
C CYS A 220 -15.17 21.11 -14.01
N ASN A 221 -15.03 19.92 -13.45
CA ASN A 221 -14.59 19.74 -12.08
C ASN A 221 -13.17 19.18 -12.07
N VAL A 222 -12.21 20.00 -11.68
CA VAL A 222 -10.82 19.65 -11.88
C VAL A 222 -10.15 19.31 -10.54
N ASN A 223 -9.78 18.02 -10.39
CA ASN A 223 -9.04 17.53 -9.25
C ASN A 223 -7.57 17.32 -9.45
N HIS A 224 -6.81 17.87 -8.51
CA HIS A 224 -5.40 17.61 -8.45
C HIS A 224 -5.02 17.19 -7.01
N LYS A 225 -5.21 15.92 -6.73
CA LYS A 225 -4.95 15.40 -5.36
C LYS A 225 -3.61 15.86 -4.76
N PRO A 226 -2.50 15.85 -5.51
CA PRO A 226 -1.20 16.21 -4.94
C PRO A 226 -1.11 17.59 -4.25
N SER A 227 -1.92 18.54 -4.71
CA SER A 227 -1.89 19.90 -4.22
C SER A 227 -3.14 20.17 -3.37
N ASN A 228 -3.96 19.14 -3.18
CA ASN A 228 -5.23 19.20 -2.49
C ASN A 228 -6.15 20.27 -3.05
N THR A 229 -6.13 20.44 -4.38
CA THR A 229 -7.01 21.39 -5.02
C THR A 229 -8.15 20.73 -5.79
N LYS A 230 -9.31 21.37 -5.76
CA LYS A 230 -10.44 20.99 -6.59
C LYS A 230 -10.99 22.31 -7.08
N VAL A 231 -10.98 22.52 -8.41
CA VAL A 231 -11.52 23.73 -9.05
C VAL A 231 -12.70 23.39 -9.97
N ASP A 232 -13.80 24.11 -9.83
CA ASP A 232 -15.01 24.02 -10.66
C ASP A 232 -15.15 25.29 -11.50
N LYS A 233 -15.04 25.14 -12.82
CA LYS A 233 -15.03 26.27 -13.71
C LYS A 233 -16.19 26.21 -14.69
N ARG A 234 -17.05 27.21 -14.61
CA ARG A 234 -18.20 27.29 -15.53
C ARG A 234 -17.68 27.69 -16.94
N VAL A 235 -18.21 27.06 -17.97
CA VAL A 235 -17.74 27.31 -19.34
C VAL A 235 -18.86 28.00 -20.11
N GLU A 236 -18.63 29.25 -20.49
CA GLU A 236 -19.66 30.10 -21.10
C GLU A 236 -19.51 30.19 -22.60
N PRO A 237 -20.64 30.18 -23.34
CA PRO A 237 -20.62 30.48 -24.77
C PRO A 237 -20.04 31.85 -25.07
N LYS A 238 -19.41 31.99 -26.24
CA LYS A 238 -18.85 33.23 -26.71
C LYS A 238 -19.52 33.55 -28.04
N SER A 239 -19.92 34.80 -28.20
CA SER A 239 -20.65 35.24 -29.36
C SER A 239 -19.69 35.67 -30.46
N CYS A 240 -19.27 34.70 -31.27
CA CYS A 240 -18.28 34.90 -32.32
C CYS A 240 -18.18 33.58 -33.06
N GLU B 21 25.60 -11.49 -28.39
CA GLU B 21 24.48 -10.75 -27.72
C GLU B 21 23.16 -11.07 -28.43
N ILE B 22 22.12 -11.36 -27.67
CA ILE B 22 20.86 -11.83 -28.22
C ILE B 22 19.82 -10.75 -28.16
N VAL B 23 19.35 -10.35 -29.33
CA VAL B 23 18.29 -9.35 -29.44
C VAL B 23 17.02 -10.02 -29.97
N LEU B 24 15.91 -9.70 -29.35
CA LEU B 24 14.61 -10.11 -29.83
C LEU B 24 14.02 -8.92 -30.55
N THR B 25 13.56 -9.09 -31.80
CA THR B 25 12.96 -7.97 -32.56
C THR B 25 11.50 -8.28 -32.97
N GLN B 26 10.59 -7.40 -32.65
CA GLN B 26 9.16 -7.69 -32.92
C GLN B 26 8.73 -6.93 -34.13
N SER B 27 7.74 -7.48 -34.82
CA SER B 27 7.12 -6.88 -35.97
C SER B 27 5.65 -7.26 -36.08
N PRO B 28 4.82 -6.34 -36.53
CA PRO B 28 5.15 -4.96 -36.80
C PRO B 28 5.07 -4.15 -35.50
N ALA B 29 5.45 -2.89 -35.56
CA ALA B 29 5.39 -2.01 -34.41
C ALA B 29 3.93 -1.73 -34.05
N THR B 30 3.09 -1.61 -35.07
CA THR B 30 1.66 -1.41 -34.89
C THR B 30 0.94 -2.31 -35.84
N LEU B 31 0.02 -3.09 -35.31
CA LEU B 31 -0.71 -4.10 -36.05
C LEU B 31 -2.14 -3.68 -35.96
N SER B 32 -2.63 -3.08 -37.05
CA SER B 32 -4.01 -2.53 -37.11
C SER B 32 -4.94 -3.56 -37.70
N LEU B 33 -5.89 -4.05 -36.92
CA LEU B 33 -6.75 -5.10 -37.40
C LEU B 33 -8.17 -4.90 -36.90
N SER B 34 -9.12 -5.50 -37.59
CA SER B 34 -10.50 -5.34 -37.18
C SER B 34 -10.79 -6.22 -35.99
N PRO B 35 -11.72 -5.76 -35.11
CA PRO B 35 -12.22 -6.69 -34.11
C PRO B 35 -12.81 -7.92 -34.80
N GLY B 36 -12.51 -9.11 -34.29
CA GLY B 36 -12.96 -10.35 -34.86
C GLY B 36 -11.95 -10.96 -35.81
N GLU B 37 -10.98 -10.20 -36.28
CA GLU B 37 -9.96 -10.75 -37.21
C GLU B 37 -8.90 -11.55 -36.40
N ARG B 38 -8.22 -12.44 -37.09
CA ARG B 38 -7.11 -13.23 -36.57
C ARG B 38 -5.88 -12.32 -36.59
N ALA B 39 -5.04 -12.47 -35.61
CA ALA B 39 -3.90 -11.60 -35.45
C ALA B 39 -2.69 -12.50 -35.30
N THR B 40 -1.65 -12.18 -36.06
CA THR B 40 -0.37 -12.92 -36.02
C THR B 40 0.70 -11.90 -35.67
N LEU B 41 1.44 -12.12 -34.58
CA LEU B 41 2.50 -11.22 -34.14
C LEU B 41 3.83 -11.99 -34.21
N SER B 42 4.84 -11.32 -34.69
CA SER B 42 6.13 -11.94 -34.92
C SER B 42 7.19 -11.41 -33.98
N CYS B 43 8.01 -12.33 -33.48
CA CYS B 43 9.15 -12.05 -32.62
C CYS B 43 10.34 -12.83 -33.21
N ARG B 44 11.41 -12.14 -33.61
CA ARG B 44 12.55 -12.78 -34.18
C ARG B 44 13.80 -12.63 -33.31
N ALA B 45 14.40 -13.74 -32.91
CA ALA B 45 15.68 -13.65 -32.20
C ALA B 45 16.86 -13.43 -33.19
N SER B 46 17.81 -12.58 -32.83
CA SER B 46 19.03 -12.34 -33.61
C SER B 46 19.90 -13.58 -33.82
N GLN B 47 19.72 -14.61 -33.01
CA GLN B 47 20.46 -15.87 -33.13
C GLN B 47 19.54 -16.91 -32.63
N SER B 48 19.83 -18.15 -33.01
CA SER B 48 18.97 -19.27 -32.66
C SER B 48 18.95 -19.45 -31.14
N VAL B 49 17.81 -19.87 -30.60
CA VAL B 49 17.65 -19.93 -29.16
C VAL B 49 16.78 -21.14 -28.83
N SER B 50 16.79 -21.58 -27.58
CA SER B 50 15.83 -22.59 -27.16
C SER B 50 14.43 -22.03 -27.39
N SER B 51 13.43 -22.90 -27.36
CA SER B 51 12.07 -22.47 -27.53
C SER B 51 11.47 -21.95 -26.21
N TYR B 52 12.32 -21.62 -25.22
CA TYR B 52 11.83 -21.00 -23.97
C TYR B 52 11.68 -19.50 -24.23
N LEU B 53 10.59 -19.16 -24.88
CA LEU B 53 10.27 -17.79 -25.28
C LEU B 53 8.97 -17.49 -24.63
N ALA B 54 8.90 -16.38 -23.91
CA ALA B 54 7.63 -15.97 -23.31
C ALA B 54 7.03 -14.75 -24.03
N TRP B 55 5.72 -14.62 -23.90
CA TRP B 55 4.91 -13.51 -24.45
C TRP B 55 4.04 -12.90 -23.34
N TYR B 56 4.02 -11.58 -23.25
CA TYR B 56 3.30 -10.89 -22.19
C TYR B 56 2.29 -9.92 -22.87
N GLN B 57 1.23 -9.59 -22.14
CA GLN B 57 0.26 -8.63 -22.59
C GLN B 57 0.25 -7.47 -21.60
N GLN B 58 0.19 -6.24 -22.09
CA GLN B 58 0.10 -5.10 -21.22
C GLN B 58 -1.06 -4.27 -21.71
N LYS B 59 -2.13 -4.31 -20.93
CA LYS B 59 -3.30 -3.54 -21.23
C LYS B 59 -2.99 -2.13 -20.83
N PRO B 60 -3.66 -1.20 -21.48
CA PRO B 60 -3.28 0.18 -21.22
C PRO B 60 -3.64 0.57 -19.76
N GLY B 61 -2.74 1.29 -19.12
CA GLY B 61 -2.85 1.58 -17.71
C GLY B 61 -2.45 0.49 -16.71
N GLN B 62 -1.91 -0.63 -17.19
CA GLN B 62 -1.75 -1.82 -16.34
C GLN B 62 -0.36 -2.43 -16.41
N ALA B 63 -0.14 -3.38 -15.49
CA ALA B 63 1.03 -4.18 -15.44
C ALA B 63 1.00 -5.26 -16.53
N PRO B 64 2.16 -5.66 -17.04
CA PRO B 64 2.20 -6.80 -17.92
C PRO B 64 1.64 -8.08 -17.26
N ARG B 65 1.09 -8.99 -18.05
CA ARG B 65 0.83 -10.33 -17.51
C ARG B 65 1.30 -11.38 -18.48
N LEU B 66 1.69 -12.52 -17.92
CA LEU B 66 2.23 -13.57 -18.71
C LEU B 66 1.15 -14.18 -19.52
N LEU B 67 1.41 -14.39 -20.81
CA LEU B 67 0.42 -15.06 -21.68
C LEU B 67 0.85 -16.44 -22.11
N ILE B 68 2.09 -16.54 -22.55
CA ILE B 68 2.61 -17.79 -23.11
C ILE B 68 4.00 -18.01 -22.55
N TYR B 69 4.32 -19.25 -22.23
CA TYR B 69 5.65 -19.61 -21.85
C TYR B 69 6.12 -20.80 -22.68
N ASP B 70 7.45 -20.92 -22.79
CA ASP B 70 8.06 -21.94 -23.63
C ASP B 70 7.42 -22.05 -25.02
N ALA B 71 7.21 -20.90 -25.66
CA ALA B 71 6.80 -20.74 -27.05
C ALA B 71 5.33 -21.01 -27.34
N SER B 72 4.75 -22.07 -26.76
CA SER B 72 3.41 -22.53 -27.14
C SER B 72 2.45 -22.92 -26.00
N ASN B 73 2.80 -22.63 -24.75
CA ASN B 73 2.01 -23.06 -23.59
C ASN B 73 1.32 -21.87 -22.98
N ARG B 74 0.01 -21.89 -22.97
CA ARG B 74 -0.76 -20.84 -22.34
C ARG B 74 -0.61 -20.92 -20.87
N ALA B 75 -0.44 -19.77 -20.24
CA ALA B 75 -0.42 -19.63 -18.80
C ALA B 75 -1.84 -19.76 -18.22
N THR B 76 -1.94 -20.02 -16.92
CA THR B 76 -3.24 -20.36 -16.33
C THR B 76 -4.13 -19.16 -16.36
N GLY B 77 -5.38 -19.35 -16.75
CA GLY B 77 -6.32 -18.23 -16.85
C GLY B 77 -6.40 -17.62 -18.23
N ILE B 78 -5.44 -17.93 -19.09
CA ILE B 78 -5.37 -17.30 -20.39
C ILE B 78 -6.37 -17.95 -21.35
N PRO B 79 -7.26 -17.15 -21.97
CA PRO B 79 -8.24 -17.74 -22.88
C PRO B 79 -7.62 -18.44 -24.06
N ALA B 80 -8.36 -19.41 -24.55
CA ALA B 80 -7.98 -20.32 -25.62
C ALA B 80 -7.72 -19.68 -26.96
N ARG B 81 -8.24 -18.47 -27.18
CA ARG B 81 -7.96 -17.79 -28.44
C ARG B 81 -6.47 -17.38 -28.61
N PHE B 82 -5.70 -17.30 -27.54
CA PHE B 82 -4.27 -17.10 -27.63
C PHE B 82 -3.45 -18.38 -27.87
N SER B 83 -2.60 -18.39 -28.89
CA SER B 83 -1.66 -19.48 -29.06
C SER B 83 -0.31 -18.91 -29.38
N GLY B 84 0.71 -19.75 -29.21
CA GLY B 84 2.04 -19.46 -29.64
C GLY B 84 2.60 -20.60 -30.43
N SER B 85 3.59 -20.32 -31.26
CA SER B 85 4.42 -21.36 -31.92
C SER B 85 5.72 -20.77 -32.35
N GLY B 86 6.63 -21.65 -32.76
CA GLY B 86 7.90 -21.28 -33.33
C GLY B 86 9.01 -22.01 -32.65
N SER B 87 10.20 -21.89 -33.22
CA SER B 87 11.43 -22.46 -32.69
C SER B 87 12.57 -21.85 -33.49
N GLY B 88 13.78 -22.07 -33.00
CA GLY B 88 14.96 -21.50 -33.62
C GLY B 88 15.04 -20.01 -33.39
N THR B 89 14.74 -19.25 -34.43
CA THR B 89 14.73 -17.79 -34.34
C THR B 89 13.36 -17.17 -34.52
N ASP B 90 12.42 -17.95 -35.01
CA ASP B 90 11.16 -17.42 -35.53
C ASP B 90 10.01 -17.77 -34.61
N PHE B 91 9.43 -16.78 -33.96
CA PHE B 91 8.30 -17.04 -33.00
C PHE B 91 7.05 -16.21 -33.33
N THR B 92 5.88 -16.79 -33.09
CA THR B 92 4.66 -16.12 -33.39
C THR B 92 3.73 -16.24 -32.21
N LEU B 93 2.93 -15.19 -31.99
CA LEU B 93 1.76 -15.22 -31.10
C LEU B 93 0.58 -15.06 -32.00
N THR B 94 -0.40 -15.93 -31.83
CA THR B 94 -1.60 -15.88 -32.60
C THR B 94 -2.76 -15.71 -31.65
N ILE B 95 -3.61 -14.74 -31.96
CA ILE B 95 -4.90 -14.59 -31.35
C ILE B 95 -5.96 -14.91 -32.41
N SER B 96 -6.77 -15.96 -32.23
CA SER B 96 -7.54 -16.51 -33.36
C SER B 96 -8.64 -15.59 -33.91
N SER B 97 -9.28 -14.86 -33.01
CA SER B 97 -10.29 -13.85 -33.31
C SER B 97 -10.29 -12.73 -32.27
N LEU B 98 -9.88 -11.54 -32.67
CA LEU B 98 -9.66 -10.46 -31.71
C LEU B 98 -10.92 -9.96 -31.00
N GLU B 99 -10.85 -9.80 -29.69
CA GLU B 99 -11.91 -9.20 -28.89
C GLU B 99 -11.42 -7.86 -28.41
N PRO B 100 -12.35 -6.94 -28.00
CA PRO B 100 -11.97 -5.56 -27.63
C PRO B 100 -10.87 -5.50 -26.59
N GLU B 101 -10.92 -6.39 -25.63
CA GLU B 101 -9.91 -6.40 -24.61
C GLU B 101 -8.57 -6.94 -25.12
N ASP B 102 -8.50 -7.51 -26.35
CA ASP B 102 -7.18 -7.93 -26.95
C ASP B 102 -6.28 -6.82 -27.52
N PHE B 103 -6.87 -5.64 -27.66
CA PHE B 103 -6.22 -4.55 -28.28
C PHE B 103 -5.37 -3.94 -27.20
N ALA B 104 -4.07 -4.14 -27.33
CA ALA B 104 -3.09 -3.92 -26.23
C ALA B 104 -1.69 -4.06 -26.79
N VAL B 105 -0.69 -4.03 -25.91
CA VAL B 105 0.70 -4.08 -26.37
C VAL B 105 1.24 -5.45 -25.93
N TYR B 106 1.98 -6.13 -26.82
CA TYR B 106 2.54 -7.46 -26.53
C TYR B 106 4.06 -7.50 -26.67
N TYR B 107 4.70 -8.23 -25.79
CA TYR B 107 6.15 -8.27 -25.75
C TYR B 107 6.54 -9.68 -25.68
N CYS B 108 7.62 -10.03 -26.37
CA CYS B 108 8.22 -11.35 -26.23
C CYS B 108 9.47 -11.19 -25.43
N GLN B 109 9.99 -12.30 -24.90
CA GLN B 109 11.05 -12.23 -23.92
C GLN B 109 11.75 -13.57 -23.86
N GLN B 110 13.06 -13.51 -23.62
CA GLN B 110 13.87 -14.73 -23.40
C GLN B 110 15.05 -14.41 -22.49
N ARG B 111 15.82 -15.45 -22.18
CA ARG B 111 16.89 -15.35 -21.21
C ARG B 111 17.92 -16.31 -21.71
N SER B 112 19.12 -15.82 -21.85
CA SER B 112 20.27 -16.66 -22.14
C SER B 112 21.21 -16.48 -20.99
N ASN B 113 21.50 -17.56 -20.27
CA ASN B 113 22.27 -17.48 -19.04
C ASN B 113 21.73 -16.45 -18.04
N TRP B 114 22.52 -15.41 -17.77
CA TRP B 114 22.12 -14.40 -16.81
C TRP B 114 21.72 -13.17 -17.55
N LEU B 115 21.41 -13.31 -18.85
CA LEU B 115 20.83 -12.18 -19.60
C LEU B 115 19.37 -12.45 -20.02
N TRP B 116 18.50 -11.49 -19.70
CA TRP B 116 17.08 -11.48 -20.00
C TRP B 116 16.85 -10.35 -20.97
N THR B 117 16.17 -10.57 -22.07
CA THR B 117 15.76 -9.42 -22.90
C THR B 117 14.36 -9.57 -23.33
N PHE B 118 13.82 -8.41 -23.72
CA PHE B 118 12.49 -8.25 -24.27
C PHE B 118 12.53 -7.71 -25.69
N GLY B 119 11.62 -8.16 -26.51
CA GLY B 119 11.31 -7.42 -27.74
C GLY B 119 10.85 -6.04 -27.40
N GLN B 120 10.84 -5.19 -28.43
CA GLN B 120 10.45 -3.82 -28.25
C GLN B 120 8.92 -3.62 -28.23
N GLY B 121 8.13 -4.66 -28.44
CA GLY B 121 6.70 -4.49 -28.42
C GLY B 121 5.96 -4.28 -29.76
N THR B 122 4.76 -4.87 -29.83
CA THR B 122 3.83 -4.65 -30.91
C THR B 122 2.56 -4.19 -30.30
N LYS B 123 2.05 -3.04 -30.73
CA LYS B 123 0.74 -2.55 -30.36
C LYS B 123 -0.34 -3.03 -31.34
N VAL B 124 -1.27 -3.85 -30.85
CA VAL B 124 -2.43 -4.23 -31.58
C VAL B 124 -3.50 -3.14 -31.49
N GLU B 125 -3.78 -2.59 -32.64
CA GLU B 125 -4.65 -1.40 -32.80
C GLU B 125 -5.94 -1.73 -33.59
N ILE B 126 -7.01 -0.98 -33.32
CA ILE B 126 -8.33 -1.26 -33.94
C ILE B 126 -8.39 -0.60 -35.29
N LYS B 127 -8.41 -1.41 -36.36
CA LYS B 127 -8.60 -0.90 -37.70
C LYS B 127 -10.07 -0.49 -37.89
N ARG B 128 -10.33 0.67 -38.46
CA ARG B 128 -11.70 1.05 -38.86
C ARG B 128 -11.65 1.91 -40.11
N SER B 129 -12.79 2.36 -40.61
CA SER B 129 -12.78 3.14 -41.83
C SER B 129 -12.16 4.50 -41.54
N VAL B 130 -11.69 5.17 -42.59
CA VAL B 130 -11.13 6.52 -42.47
C VAL B 130 -12.17 7.48 -41.96
N ALA B 131 -11.78 8.39 -41.04
CA ALA B 131 -12.68 9.44 -40.56
C ALA B 131 -11.92 10.72 -40.44
N ALA B 132 -12.42 11.77 -41.06
CA ALA B 132 -11.72 13.05 -41.01
C ALA B 132 -11.97 13.69 -39.63
N PRO B 133 -11.04 14.49 -39.13
CA PRO B 133 -11.27 15.20 -37.87
C PRO B 133 -12.24 16.32 -38.07
N SER B 134 -13.06 16.61 -37.06
CA SER B 134 -13.72 17.90 -36.92
C SER B 134 -12.68 18.81 -36.24
N VAL B 135 -12.39 19.93 -36.86
CA VAL B 135 -11.35 20.87 -36.39
C VAL B 135 -12.00 22.07 -35.74
N PHE B 136 -11.64 22.29 -34.48
CA PHE B 136 -12.12 23.46 -33.76
C PHE B 136 -10.93 24.18 -33.14
N ILE B 137 -11.06 25.49 -32.97
CA ILE B 137 -10.01 26.31 -32.41
C ILE B 137 -10.62 27.10 -31.20
N PHE B 138 -9.81 27.38 -30.20
CA PHE B 138 -10.31 28.13 -29.02
C PHE B 138 -9.38 29.28 -28.73
N PRO B 139 -9.87 30.54 -28.85
CA PRO B 139 -8.98 31.66 -28.51
C PRO B 139 -8.73 31.69 -27.00
N PRO B 140 -7.74 32.49 -26.56
CA PRO B 140 -7.44 32.67 -25.14
C PRO B 140 -8.61 33.14 -24.30
N SER B 141 -8.67 32.66 -23.06
CA SER B 141 -9.65 33.15 -22.10
C SER B 141 -9.23 34.51 -21.66
N ASP B 142 -10.22 35.31 -21.26
CA ASP B 142 -9.91 36.57 -20.61
C ASP B 142 -9.13 36.34 -19.28
N GLU B 143 -9.53 35.33 -18.51
CA GLU B 143 -8.80 34.99 -17.29
C GLU B 143 -7.31 34.78 -17.56
N GLN B 144 -6.98 34.01 -18.60
CA GLN B 144 -5.57 33.79 -18.90
C GLN B 144 -4.81 35.05 -19.35
N LEU B 145 -5.49 35.92 -20.09
CA LEU B 145 -4.84 37.12 -20.56
C LEU B 145 -4.35 38.00 -19.35
N LYS B 146 -5.24 38.23 -18.37
CA LYS B 146 -4.86 38.92 -17.11
C LYS B 146 -3.52 38.39 -16.59
N SER B 147 -3.43 37.07 -16.48
CA SER B 147 -2.27 36.38 -15.94
C SER B 147 -0.96 36.68 -16.66
N GLY B 148 -1.04 37.16 -17.89
CA GLY B 148 0.16 37.39 -18.70
C GLY B 148 0.41 36.43 -19.85
N THR B 149 -0.47 35.45 -20.04
CA THR B 149 -0.21 34.40 -21.04
C THR B 149 -1.41 34.09 -21.96
N ALA B 150 -1.10 33.69 -23.19
CA ALA B 150 -2.13 33.34 -24.17
C ALA B 150 -1.91 31.94 -24.64
N SER B 151 -2.90 31.09 -24.42
CA SER B 151 -2.83 29.72 -24.93
C SER B 151 -3.94 29.54 -25.91
N VAL B 152 -3.55 29.14 -27.12
CA VAL B 152 -4.55 28.91 -28.17
C VAL B 152 -4.60 27.40 -28.40
N VAL B 153 -5.80 26.85 -28.36
CA VAL B 153 -5.94 25.38 -28.40
C VAL B 153 -6.56 25.03 -29.73
N CYS B 154 -5.93 24.12 -30.45
CA CYS B 154 -6.60 23.53 -31.61
C CYS B 154 -7.02 22.08 -31.32
N LEU B 155 -8.31 21.82 -31.47
CA LEU B 155 -8.92 20.51 -31.34
C LEU B 155 -9.30 19.77 -32.68
N LEU B 156 -8.80 18.53 -32.80
CA LEU B 156 -9.11 17.57 -33.85
C LEU B 156 -9.89 16.40 -33.26
N ASN B 157 -11.18 16.33 -33.53
CA ASN B 157 -12.04 15.39 -32.89
C ASN B 157 -12.45 14.19 -33.76
N ASN B 158 -12.29 13.00 -33.19
CA ASN B 158 -12.80 11.73 -33.74
C ASN B 158 -12.38 11.44 -35.18
N PHE B 159 -11.09 11.23 -35.37
CA PHE B 159 -10.51 10.91 -36.67
C PHE B 159 -9.80 9.57 -36.68
N TYR B 160 -9.62 9.03 -37.89
CA TYR B 160 -8.91 7.80 -38.11
C TYR B 160 -8.35 7.81 -39.55
N PRO B 161 -7.12 7.36 -39.76
CA PRO B 161 -6.17 6.83 -38.75
C PRO B 161 -5.38 7.87 -37.93
N ARG B 162 -4.48 7.39 -37.10
CA ARG B 162 -3.81 8.21 -36.10
C ARG B 162 -3.01 9.38 -36.68
N GLU B 163 -2.43 9.20 -37.82
CA GLU B 163 -1.55 10.16 -38.38
C GLU B 163 -2.35 11.41 -38.79
N ALA B 164 -1.81 12.54 -38.34
CA ALA B 164 -2.39 13.85 -38.62
C ALA B 164 -1.27 14.87 -38.56
N LYS B 165 -1.39 15.96 -39.31
CA LYS B 165 -0.42 17.04 -39.21
C LYS B 165 -1.15 18.32 -38.79
N VAL B 166 -0.67 18.95 -37.72
CA VAL B 166 -1.22 20.24 -37.24
C VAL B 166 -0.11 21.24 -37.44
N GLN B 167 -0.42 22.38 -38.05
CA GLN B 167 0.56 23.46 -38.19
C GLN B 167 -0.02 24.72 -37.62
N TRP B 168 0.78 25.49 -36.91
CA TRP B 168 0.35 26.79 -36.45
C TRP B 168 0.89 27.94 -37.32
N LYS B 169 0.05 28.92 -37.61
CA LYS B 169 0.45 30.11 -38.35
C LYS B 169 -0.09 31.33 -37.63
N VAL B 170 0.79 32.27 -37.31
CA VAL B 170 0.35 33.55 -36.74
C VAL B 170 0.68 34.63 -37.78
N ASP B 171 -0.33 35.39 -38.20
CA ASP B 171 -0.23 36.23 -39.43
C ASP B 171 0.53 35.47 -40.55
N ASN B 172 0.21 34.19 -40.77
CA ASN B 172 0.87 33.37 -41.83
C ASN B 172 2.33 32.93 -41.63
N ALA B 173 3.00 33.44 -40.61
CA ALA B 173 4.30 32.90 -40.30
C ALA B 173 4.04 31.53 -39.69
N LEU B 174 4.62 30.50 -40.29
CA LEU B 174 4.57 29.14 -39.78
C LEU B 174 5.31 29.12 -38.46
N GLN B 175 4.63 28.65 -37.42
CA GLN B 175 5.22 28.63 -36.09
C GLN B 175 6.02 27.33 -35.90
N SER B 176 7.06 27.42 -35.08
CA SER B 176 7.88 26.30 -34.72
C SER B 176 8.34 26.43 -33.27
N GLY B 177 8.18 25.38 -32.47
CA GLY B 177 8.81 25.32 -31.15
C GLY B 177 8.01 25.85 -29.99
N ASN B 178 6.83 26.43 -30.26
CA ASN B 178 5.99 26.97 -29.20
C ASN B 178 4.63 26.25 -29.08
N SER B 179 4.58 24.99 -29.53
CA SER B 179 3.33 24.21 -29.41
C SER B 179 3.58 22.81 -28.93
N GLN B 180 2.62 22.21 -28.26
CA GLN B 180 2.72 20.81 -27.91
C GLN B 180 1.38 20.17 -28.18
N GLU B 181 1.39 18.88 -28.44
CA GLU B 181 0.15 18.16 -28.67
C GLU B 181 0.08 16.88 -27.95
N SER B 182 -1.11 16.37 -27.83
CA SER B 182 -1.27 14.97 -27.41
C SER B 182 -2.54 14.40 -27.96
N VAL B 183 -2.57 13.08 -27.95
CA VAL B 183 -3.57 12.26 -28.57
C VAL B 183 -4.16 11.26 -27.59
N THR B 184 -5.47 11.10 -27.64
CA THR B 184 -6.16 10.19 -26.76
C THR B 184 -5.97 8.80 -27.31
N GLU B 185 -6.44 7.82 -26.53
CA GLU B 185 -6.41 6.43 -26.93
C GLU B 185 -7.69 6.24 -27.70
N GLN B 186 -7.73 5.20 -28.51
CA GLN B 186 -8.87 4.95 -29.33
C GLN B 186 -10.14 4.91 -28.50
N ASP B 187 -11.15 5.63 -28.99
CA ASP B 187 -12.40 5.84 -28.31
C ASP B 187 -13.06 4.49 -28.16
N SER B 188 -13.68 4.26 -27.02
CA SER B 188 -14.25 2.95 -26.74
C SER B 188 -15.49 2.76 -27.59
N LYS B 189 -16.17 3.84 -27.96
CA LYS B 189 -17.36 3.76 -28.81
C LYS B 189 -17.07 3.68 -30.33
N ASP B 190 -16.22 4.54 -30.88
CA ASP B 190 -16.04 4.54 -32.37
C ASP B 190 -14.63 4.28 -32.85
N SER B 191 -13.73 3.94 -31.94
CA SER B 191 -12.38 3.58 -32.27
C SER B 191 -11.50 4.74 -32.87
N THR B 192 -11.94 6.00 -32.72
CA THR B 192 -11.21 7.11 -33.25
C THR B 192 -10.23 7.68 -32.28
N TYR B 193 -9.32 8.48 -32.83
CA TYR B 193 -8.46 9.36 -32.05
C TYR B 193 -9.01 10.78 -32.01
N SER B 194 -8.57 11.52 -31.01
CA SER B 194 -8.82 12.94 -30.90
C SER B 194 -7.48 13.46 -30.49
N LEU B 195 -7.21 14.67 -30.92
CA LEU B 195 -5.92 15.28 -30.70
C LEU B 195 -6.12 16.72 -30.28
N SER B 196 -5.25 17.18 -29.36
CA SER B 196 -5.23 18.54 -28.84
C SER B 196 -3.87 19.11 -29.08
N SER B 197 -3.85 20.31 -29.65
CA SER B 197 -2.59 21.04 -29.82
C SER B 197 -2.66 22.42 -29.18
N THR B 198 -1.63 22.79 -28.43
CA THR B 198 -1.63 24.07 -27.71
C THR B 198 -0.48 24.93 -28.17
N LEU B 199 -0.81 26.11 -28.65
CA LEU B 199 0.18 27.16 -28.90
C LEU B 199 0.16 28.11 -27.73
N THR B 200 1.33 28.41 -27.20
CA THR B 200 1.46 29.19 -25.98
C THR B 200 2.34 30.39 -26.29
N LEU B 201 1.83 31.59 -26.02
CA LEU B 201 2.60 32.82 -26.22
C LEU B 201 2.49 33.68 -24.99
N SER B 202 3.47 34.58 -24.83
CA SER B 202 3.37 35.65 -23.83
C SER B 202 2.23 36.54 -24.27
N LYS B 203 1.55 37.18 -23.31
CA LYS B 203 0.55 38.20 -23.67
C LYS B 203 1.15 39.25 -24.63
N ALA B 204 2.38 39.68 -24.36
CA ALA B 204 3.08 40.65 -25.19
C ALA B 204 3.15 40.25 -26.66
N ASP B 205 3.58 39.02 -26.93
CA ASP B 205 3.71 38.51 -28.31
C ASP B 205 2.32 38.33 -28.92
N TYR B 206 1.33 37.96 -28.12
CA TYR B 206 -0.02 37.75 -28.61
C TYR B 206 -0.70 39.05 -29.13
N GLU B 207 -0.36 40.19 -28.52
CA GLU B 207 -1.05 41.47 -28.84
C GLU B 207 -0.45 42.12 -30.07
N LYS B 208 0.77 41.72 -30.43
CA LYS B 208 1.41 42.14 -31.67
C LYS B 208 0.67 41.68 -32.90
N HIS B 209 0.12 40.47 -32.85
CA HIS B 209 -0.34 39.78 -34.05
C HIS B 209 -1.85 39.78 -34.14
N LYS B 210 -2.37 39.58 -35.33
CA LYS B 210 -3.80 39.63 -35.50
C LYS B 210 -4.50 38.26 -35.67
N VAL B 211 -3.99 37.43 -36.58
CA VAL B 211 -4.73 36.29 -37.07
C VAL B 211 -4.07 35.06 -36.45
N TYR B 212 -4.89 34.21 -35.86
CA TYR B 212 -4.37 32.97 -35.30
C TYR B 212 -5.07 31.80 -35.96
N ALA B 213 -4.31 30.88 -36.52
CA ALA B 213 -4.89 29.83 -37.38
C ALA B 213 -4.29 28.50 -37.06
N CYS B 214 -5.12 27.47 -37.05
CA CYS B 214 -4.67 26.10 -36.93
C CYS B 214 -4.95 25.42 -38.29
N GLU B 215 -3.93 24.88 -38.96
CA GLU B 215 -4.10 24.18 -40.22
C GLU B 215 -3.92 22.69 -40.11
N VAL B 216 -4.93 21.91 -40.51
CA VAL B 216 -4.92 20.46 -40.26
C VAL B 216 -4.95 19.64 -41.57
N THR B 217 -4.05 18.67 -41.67
CA THR B 217 -3.92 17.77 -42.79
C THR B 217 -4.08 16.31 -42.29
N HIS B 218 -4.94 15.58 -42.96
CA HIS B 218 -5.26 14.22 -42.58
C HIS B 218 -5.90 13.52 -43.79
N GLN B 219 -5.72 12.20 -43.85
CA GLN B 219 -6.19 11.34 -44.94
C GLN B 219 -7.70 11.46 -45.27
N GLY B 220 -8.52 11.77 -44.31
CA GLY B 220 -9.96 11.96 -44.55
C GLY B 220 -10.39 13.29 -45.15
N LEU B 221 -9.48 14.24 -45.25
CA LEU B 221 -9.79 15.56 -45.70
C LEU B 221 -9.27 15.67 -47.13
N SER B 222 -10.11 16.14 -48.06
CA SER B 222 -9.68 16.26 -49.46
C SER B 222 -8.80 17.47 -49.64
N SER B 223 -8.91 18.43 -48.73
CA SER B 223 -7.87 19.47 -48.65
C SER B 223 -7.67 19.89 -47.18
N PRO B 224 -6.50 20.49 -46.86
CA PRO B 224 -6.29 20.80 -45.46
C PRO B 224 -7.32 21.78 -44.95
N VAL B 225 -7.66 21.66 -43.67
CA VAL B 225 -8.61 22.57 -43.06
C VAL B 225 -7.91 23.62 -42.18
N THR B 226 -8.34 24.88 -42.31
CA THR B 226 -7.75 25.94 -41.55
C THR B 226 -8.83 26.59 -40.72
N LYS B 227 -8.67 26.51 -39.40
CA LYS B 227 -9.55 27.20 -38.48
C LYS B 227 -8.75 28.38 -37.98
N SER B 228 -9.38 29.53 -37.88
CA SER B 228 -8.68 30.75 -37.52
C SER B 228 -9.57 31.70 -36.75
N PHE B 229 -8.96 32.71 -36.18
CA PHE B 229 -9.71 33.78 -35.53
C PHE B 229 -8.78 34.99 -35.47
N ASN B 230 -9.36 36.15 -35.18
CA ASN B 230 -8.62 37.41 -35.11
C ASN B 230 -8.58 37.83 -33.67
N ARG B 231 -7.43 38.33 -33.21
CA ARG B 231 -7.29 38.75 -31.79
C ARG B 231 -8.47 39.48 -31.16
N GLY B 232 -9.20 40.29 -31.92
CA GLY B 232 -10.33 41.06 -31.34
C GLY B 232 -11.76 40.52 -31.42
N GLU B 233 -11.98 39.32 -32.00
CA GLU B 233 -13.34 38.91 -32.40
C GLU B 233 -14.18 38.10 -31.40
N CYS B 234 -13.55 37.48 -30.44
CA CYS B 234 -14.29 36.69 -29.45
C CYS B 234 -14.21 37.34 -28.05
N GLU B 235 -15.38 37.42 -27.40
CA GLU B 235 -15.55 38.10 -26.10
C GLU B 235 -16.49 37.25 -25.23
N VAL C 27 16.11 -36.15 8.56
CA VAL C 27 16.89 -36.36 7.31
C VAL C 27 18.33 -35.91 7.48
N ARG C 28 19.26 -36.72 6.99
CA ARG C 28 20.68 -36.39 7.01
C ARG C 28 21.14 -35.76 5.68
N SER C 29 21.84 -34.64 5.81
CA SER C 29 22.35 -33.91 4.66
C SER C 29 23.85 -33.71 4.77
N LEU C 30 24.50 -33.67 3.61
CA LEU C 30 25.89 -33.29 3.48
C LEU C 30 26.02 -32.28 2.34
N ASN C 31 26.98 -31.40 2.47
CA ASN C 31 27.37 -30.53 1.40
C ASN C 31 28.46 -31.17 0.54
N CYS C 32 28.23 -31.18 -0.75
CA CYS C 32 29.15 -31.85 -1.67
C CYS C 32 29.01 -31.32 -3.06
N THR C 33 29.97 -31.68 -3.91
CA THR C 33 29.98 -31.26 -5.30
C THR C 33 30.06 -32.47 -6.20
N LEU C 34 29.93 -32.24 -7.50
CA LEU C 34 30.03 -33.30 -8.49
C LEU C 34 30.99 -32.87 -9.58
N ARG C 35 31.66 -33.85 -10.19
CA ARG C 35 32.50 -33.62 -11.36
C ARG C 35 32.32 -34.80 -12.26
N ASP C 36 32.77 -34.64 -13.51
CA ASP C 36 32.51 -35.60 -14.58
C ASP C 36 33.54 -36.71 -14.62
N SER C 37 33.40 -37.59 -15.61
CA SER C 37 34.37 -38.65 -15.86
C SER C 37 35.66 -38.04 -16.42
N SER C 41 33.20 -30.04 -14.03
CA SER C 41 32.53 -29.27 -12.98
C SER C 41 31.11 -28.83 -13.36
N LEU C 42 30.28 -28.62 -12.33
CA LEU C 42 28.92 -28.09 -12.51
C LEU C 42 28.79 -26.69 -11.97
N VAL C 43 28.03 -25.85 -12.66
CA VAL C 43 27.82 -24.46 -12.25
C VAL C 43 26.39 -24.01 -12.50
N MET C 44 25.93 -23.04 -11.74
CA MET C 44 24.58 -22.52 -11.90
C MET C 44 24.66 -21.43 -12.97
N SER C 45 24.28 -21.80 -14.19
CA SER C 45 24.49 -20.93 -15.37
C SER C 45 23.31 -19.96 -15.60
N GLY C 46 22.17 -20.29 -15.03
CA GLY C 46 21.11 -19.31 -14.94
C GLY C 46 20.33 -19.53 -13.68
N PRO C 47 19.12 -18.94 -13.61
CA PRO C 47 18.37 -18.99 -12.37
C PRO C 47 17.82 -20.38 -12.03
N TYR C 48 17.65 -21.25 -13.02
CA TYR C 48 17.17 -22.62 -12.76
C TYR C 48 17.87 -23.65 -13.64
N GLU C 49 19.07 -23.30 -14.08
CA GLU C 49 19.85 -24.07 -15.03
C GLU C 49 21.21 -24.43 -14.43
N LEU C 50 21.68 -25.63 -14.76
CA LEU C 50 23.08 -26.05 -14.57
C LEU C 50 23.83 -26.29 -15.88
N LYS C 51 25.15 -26.10 -15.84
CA LYS C 51 26.05 -26.39 -16.95
C LYS C 51 27.27 -27.13 -16.45
N ALA C 52 27.86 -27.93 -17.33
CA ALA C 52 29.13 -28.63 -17.03
C ALA C 52 30.27 -28.06 -17.83
N LEU C 53 31.37 -27.76 -17.16
CA LEU C 53 32.53 -27.19 -17.81
C LEU C 53 33.79 -27.46 -17.01
N HIS C 54 34.90 -26.86 -17.44
CA HIS C 54 36.20 -27.05 -16.80
C HIS C 54 36.68 -25.77 -16.13
N LEU C 55 36.86 -25.86 -14.82
CA LEU C 55 37.63 -24.91 -14.02
C LEU C 55 38.04 -23.64 -14.76
N GLU C 61 36.79 -21.39 -9.61
CA GLU C 61 36.19 -22.24 -8.58
C GLU C 61 34.86 -21.68 -8.11
N GLN C 62 33.93 -21.53 -9.05
CA GLN C 62 32.59 -21.05 -8.76
C GLN C 62 31.60 -22.19 -8.95
N GLN C 63 32.00 -23.37 -8.48
CA GLN C 63 31.20 -24.58 -8.66
C GLN C 63 29.96 -24.60 -7.76
N VAL C 64 28.93 -25.29 -8.22
CA VAL C 64 27.70 -25.44 -7.45
C VAL C 64 27.87 -26.44 -6.32
N VAL C 65 27.57 -26.01 -5.10
CA VAL C 65 27.58 -26.90 -3.96
C VAL C 65 26.18 -27.42 -3.70
N PHE C 66 26.02 -28.74 -3.77
CA PHE C 66 24.76 -29.37 -3.47
C PHE C 66 24.68 -29.77 -1.99
N SER C 67 23.46 -29.78 -1.50
CA SER C 67 23.13 -30.22 -0.17
C SER C 67 22.40 -31.52 -0.43
N MET C 68 23.12 -32.61 -0.27
CA MET C 68 22.60 -33.93 -0.58
C MET C 68 21.93 -34.52 0.65
N SER C 69 20.76 -35.12 0.45
CA SER C 69 19.96 -35.73 1.51
C SER C 69 19.55 -37.17 1.15
N PHE C 70 19.63 -38.08 2.14
CA PHE C 70 19.22 -39.49 2.00
C PHE C 70 17.78 -39.61 2.38
N VAL C 71 16.99 -40.25 1.52
CA VAL C 71 15.56 -40.15 1.64
C VAL C 71 14.96 -41.53 1.48
N GLN C 72 13.69 -41.66 1.82
CA GLN C 72 13.08 -42.99 1.85
C GLN C 72 12.93 -43.51 0.43
N GLY C 73 12.91 -44.82 0.28
CA GLY C 73 12.85 -45.45 -1.03
C GLY C 73 13.33 -46.88 -1.02
N GLU C 74 14.02 -47.28 -2.08
CA GLU C 74 14.46 -48.65 -2.29
C GLU C 74 15.98 -48.77 -2.23
N GLU C 75 16.47 -49.30 -1.11
CA GLU C 75 17.91 -49.51 -0.93
C GLU C 75 18.29 -50.96 -1.20
N SER C 76 19.39 -51.15 -1.90
CA SER C 76 19.94 -52.49 -2.21
C SER C 76 21.47 -52.30 -2.54
N ASN C 77 22.13 -53.30 -3.11
CA ASN C 77 23.59 -53.29 -3.22
C ASN C 77 24.15 -51.99 -3.81
N ASP C 78 24.73 -51.16 -2.95
CA ASP C 78 25.46 -49.96 -3.38
C ASP C 78 24.57 -48.94 -4.09
N LYS C 79 23.26 -48.95 -3.83
CA LYS C 79 22.36 -47.92 -4.40
C LYS C 79 21.51 -47.35 -3.27
N ILE C 80 21.65 -46.04 -3.07
CA ILE C 80 21.02 -45.38 -1.93
C ILE C 80 20.10 -44.28 -2.51
N PRO C 81 18.85 -44.16 -2.00
CA PRO C 81 18.04 -43.04 -2.53
C PRO C 81 18.59 -41.74 -2.02
N VAL C 82 18.69 -40.76 -2.92
CA VAL C 82 19.14 -39.43 -2.57
C VAL C 82 18.27 -38.35 -3.24
N ALA C 83 18.35 -37.13 -2.69
CA ALA C 83 17.76 -35.95 -3.31
C ALA C 83 18.82 -34.88 -3.30
N LEU C 84 18.86 -34.09 -4.36
CA LEU C 84 19.86 -33.06 -4.53
C LEU C 84 19.22 -31.67 -4.49
N GLY C 85 19.71 -30.86 -3.55
CA GLY C 85 19.29 -29.49 -3.41
C GLY C 85 20.53 -28.65 -3.51
N LEU C 86 20.35 -27.35 -3.62
CA LEU C 86 21.47 -26.44 -3.62
C LEU C 86 21.72 -25.96 -2.19
N LYS C 87 22.98 -25.78 -1.83
CA LYS C 87 23.32 -25.20 -0.52
C LYS C 87 22.84 -23.75 -0.39
N GLU C 88 22.01 -23.49 0.60
CA GLU C 88 21.44 -22.14 0.80
C GLU C 88 20.64 -21.57 -0.40
N LYS C 89 20.19 -22.44 -1.32
CA LYS C 89 19.07 -22.11 -2.20
C LYS C 89 17.99 -23.20 -2.12
N ASN C 90 16.74 -22.78 -2.02
CA ASN C 90 15.61 -23.69 -1.93
C ASN C 90 15.21 -24.22 -3.30
N LEU C 91 16.19 -24.68 -4.06
CA LEU C 91 15.97 -25.33 -5.35
C LEU C 91 16.46 -26.78 -5.28
N TYR C 92 15.61 -27.72 -5.74
CA TYR C 92 15.95 -29.14 -5.82
C TYR C 92 15.73 -29.70 -7.20
N LEU C 93 16.71 -30.49 -7.63
CA LEU C 93 16.62 -31.20 -8.91
C LEU C 93 15.44 -32.12 -8.88
N SER C 94 14.66 -32.11 -9.96
CA SER C 94 13.49 -32.97 -10.07
C SER C 94 13.30 -33.41 -11.51
N CYS C 95 12.50 -34.45 -11.69
CA CYS C 95 12.28 -35.06 -13.00
C CYS C 95 10.81 -34.99 -13.33
N VAL C 96 10.48 -34.41 -14.49
CA VAL C 96 9.07 -34.31 -14.95
C VAL C 96 8.96 -34.70 -16.41
N LEU C 97 7.73 -34.92 -16.85
CA LEU C 97 7.40 -35.00 -18.27
C LEU C 97 7.18 -33.59 -18.81
N LYS C 98 8.09 -33.12 -19.65
CA LYS C 98 7.82 -32.01 -20.54
C LYS C 98 7.62 -32.63 -21.90
N ASP C 99 6.67 -32.10 -22.68
CA ASP C 99 6.14 -32.80 -23.85
C ASP C 99 5.66 -34.15 -23.32
N ASP C 100 6.18 -35.27 -23.83
CA ASP C 100 5.99 -36.56 -23.16
C ASP C 100 7.32 -37.30 -23.04
N LYS C 101 8.34 -36.55 -22.63
CA LYS C 101 9.67 -37.08 -22.37
C LYS C 101 10.13 -36.61 -21.00
N PRO C 102 10.67 -37.54 -20.17
CA PRO C 102 11.16 -37.14 -18.87
C PRO C 102 12.26 -36.09 -18.98
N THR C 103 12.27 -35.14 -18.06
CA THR C 103 13.12 -33.97 -18.20
C THR C 103 13.64 -33.46 -16.86
N LEU C 104 14.88 -32.99 -16.85
CA LEU C 104 15.56 -32.51 -15.64
C LEU C 104 15.38 -31.00 -15.42
N GLN C 105 14.87 -30.62 -14.25
CA GLN C 105 14.72 -29.22 -13.90
C GLN C 105 15.05 -28.93 -12.45
N LEU C 106 15.56 -27.71 -12.21
CA LEU C 106 15.68 -27.18 -10.87
C LEU C 106 14.34 -26.61 -10.48
N GLU C 107 13.89 -26.95 -9.28
CA GLU C 107 12.55 -26.64 -8.87
C GLU C 107 12.45 -26.00 -7.49
N SER C 108 11.58 -24.98 -7.44
CA SER C 108 11.39 -24.20 -6.23
C SER C 108 10.53 -24.94 -5.21
N VAL C 109 10.95 -24.90 -3.95
CA VAL C 109 10.28 -25.58 -2.87
C VAL C 109 10.33 -24.74 -1.59
N ASP C 110 9.32 -24.90 -0.74
CA ASP C 110 9.25 -24.24 0.57
C ASP C 110 10.33 -24.80 1.54
N PRO C 111 11.24 -23.94 2.05
CA PRO C 111 12.28 -24.40 2.98
C PRO C 111 11.75 -24.97 4.30
N LYS C 112 10.55 -24.57 4.70
CA LYS C 112 9.90 -25.14 5.88
C LYS C 112 9.62 -26.63 5.70
N ASN C 113 9.06 -26.98 4.54
CA ASN C 113 8.74 -28.37 4.21
C ASN C 113 9.91 -29.19 3.70
N TYR C 114 11.02 -28.56 3.34
CA TYR C 114 12.11 -29.30 2.67
C TYR C 114 13.49 -29.05 3.30
N PRO C 115 14.35 -30.10 3.32
CA PRO C 115 14.05 -31.46 2.88
C PRO C 115 13.18 -32.23 3.87
N LYS C 116 12.58 -33.30 3.38
CA LYS C 116 11.81 -34.23 4.20
C LYS C 116 12.27 -35.65 3.83
N LYS C 117 11.96 -36.63 4.68
CA LYS C 117 12.44 -37.99 4.46
C LYS C 117 11.68 -38.65 3.33
N LYS C 118 10.36 -38.49 3.33
CA LYS C 118 9.53 -38.96 2.21
C LYS C 118 9.53 -37.90 1.11
N MET C 119 10.60 -37.85 0.31
CA MET C 119 10.65 -36.93 -0.83
C MET C 119 9.74 -37.45 -1.93
N GLU C 120 9.18 -36.52 -2.71
CA GLU C 120 8.34 -36.86 -3.86
C GLU C 120 9.21 -37.46 -4.96
N LYS C 121 8.70 -38.50 -5.63
CA LYS C 121 9.49 -39.32 -6.58
C LYS C 121 10.30 -38.51 -7.59
N ARG C 122 9.68 -37.46 -8.13
CA ARG C 122 10.38 -36.57 -9.05
C ARG C 122 11.72 -36.11 -8.46
N PHE C 123 11.75 -35.78 -7.17
CA PHE C 123 13.01 -35.36 -6.52
C PHE C 123 13.97 -36.51 -6.25
N VAL C 124 13.45 -37.74 -6.26
CA VAL C 124 14.20 -38.93 -5.82
C VAL C 124 15.18 -39.42 -6.87
N PHE C 125 16.47 -39.37 -6.51
CA PHE C 125 17.53 -39.93 -7.35
C PHE C 125 18.15 -41.17 -6.70
N ASN C 126 18.21 -42.26 -7.47
CA ASN C 126 18.85 -43.49 -7.04
C ASN C 126 20.35 -43.40 -7.26
N LYS C 127 21.07 -43.14 -6.16
CA LYS C 127 22.52 -42.99 -6.24
C LYS C 127 23.13 -44.38 -6.35
N ILE C 128 23.90 -44.60 -7.41
CA ILE C 128 24.47 -45.88 -7.70
C ILE C 128 25.95 -45.71 -7.75
N GLU C 129 26.67 -46.57 -7.02
CA GLU C 129 28.13 -46.60 -7.08
C GLU C 129 28.65 -47.96 -7.61
N ILE C 130 29.42 -47.88 -8.69
CA ILE C 130 30.08 -49.03 -9.28
C ILE C 130 31.53 -48.62 -9.41
N ASN C 131 32.43 -49.50 -8.98
CA ASN C 131 33.85 -49.26 -9.02
C ASN C 131 34.23 -48.00 -8.22
N ASN C 132 34.52 -46.90 -8.92
CA ASN C 132 34.83 -45.62 -8.28
C ASN C 132 33.98 -44.48 -8.84
N LYS C 133 32.77 -44.80 -9.34
CA LYS C 133 31.94 -43.80 -10.03
C LYS C 133 30.45 -43.88 -9.70
N LEU C 134 29.82 -42.71 -9.61
CA LEU C 134 28.41 -42.60 -9.21
C LEU C 134 27.46 -42.31 -10.37
N GLU C 135 26.23 -42.80 -10.22
CA GLU C 135 25.13 -42.58 -11.15
C GLU C 135 23.86 -42.19 -10.39
N PHE C 136 23.07 -41.27 -10.96
CA PHE C 136 21.84 -40.88 -10.35
C PHE C 136 20.69 -41.16 -11.30
N GLU C 137 19.74 -41.99 -10.87
CA GLU C 137 18.69 -42.46 -11.75
C GLU C 137 17.34 -42.00 -11.22
N SER C 138 16.61 -41.29 -12.07
CA SER C 138 15.30 -40.83 -11.68
C SER C 138 14.49 -42.00 -11.17
N ALA C 139 13.95 -41.87 -9.96
CA ALA C 139 13.06 -42.87 -9.43
C ALA C 139 11.81 -42.88 -10.28
N GLN C 140 11.18 -41.71 -10.42
CA GLN C 140 9.97 -41.54 -11.25
C GLN C 140 10.07 -42.19 -12.65
N PHE C 141 11.25 -42.12 -13.27
CA PHE C 141 11.47 -42.73 -14.59
C PHE C 141 12.75 -43.52 -14.56
N PRO C 142 12.66 -44.84 -14.33
CA PRO C 142 13.87 -45.64 -14.30
C PRO C 142 14.59 -45.63 -15.62
N ASN C 143 15.91 -45.86 -15.56
CA ASN C 143 16.81 -45.85 -16.72
C ASN C 143 17.05 -44.46 -17.31
N TRP C 144 16.54 -43.44 -16.64
CA TRP C 144 16.87 -42.06 -16.98
C TRP C 144 17.77 -41.51 -15.89
N TYR C 145 18.86 -40.87 -16.32
CA TYR C 145 19.91 -40.48 -15.41
C TYR C 145 20.26 -38.99 -15.56
N ILE C 146 20.80 -38.42 -14.49
CA ILE C 146 21.50 -37.15 -14.58
C ILE C 146 22.66 -37.33 -15.55
N SER C 147 22.81 -36.41 -16.51
CA SER C 147 23.71 -36.64 -17.63
C SER C 147 24.31 -35.34 -18.13
N THR C 148 25.56 -35.39 -18.57
CA THR C 148 26.25 -34.24 -19.11
C THR C 148 26.83 -34.52 -20.48
N SER C 149 27.03 -33.45 -21.25
CA SER C 149 27.64 -33.55 -22.58
C SER C 149 29.13 -33.76 -22.47
N GLN C 150 29.71 -34.26 -23.57
CA GLN C 150 31.17 -34.35 -23.70
C GLN C 150 31.76 -32.97 -23.81
N ALA C 151 31.03 -32.10 -24.51
CA ALA C 151 31.50 -30.75 -24.78
C ALA C 151 31.51 -29.88 -23.54
N GLU C 152 32.21 -28.76 -23.65
CA GLU C 152 32.28 -27.76 -22.60
C GLU C 152 31.00 -26.93 -22.59
N ASN C 153 30.63 -26.43 -21.41
CA ASN C 153 29.55 -25.43 -21.27
C ASN C 153 28.17 -25.84 -21.79
N MET C 154 27.83 -27.12 -21.72
CA MET C 154 26.49 -27.56 -22.08
C MET C 154 25.68 -27.89 -20.81
N PRO C 155 24.36 -27.85 -20.91
CA PRO C 155 23.55 -28.06 -19.72
C PRO C 155 23.53 -29.49 -19.22
N VAL C 156 23.00 -29.67 -18.01
CA VAL C 156 22.91 -30.98 -17.40
C VAL C 156 21.51 -31.45 -17.71
N PHE C 157 21.35 -32.72 -18.07
CA PHE C 157 20.07 -33.17 -18.62
C PHE C 157 19.73 -34.60 -18.22
N LEU C 158 18.46 -34.93 -18.43
CA LEU C 158 17.92 -36.25 -18.18
C LEU C 158 17.82 -37.03 -19.48
N GLY C 159 18.43 -38.22 -19.51
CA GLY C 159 18.37 -39.11 -20.67
C GLY C 159 18.18 -40.56 -20.26
N ASP C 166 27.57 -39.23 -24.27
CA ASP C 166 26.75 -38.76 -23.14
C ASP C 166 27.16 -39.42 -21.82
N ILE C 167 27.75 -38.62 -20.95
CA ILE C 167 28.36 -39.10 -19.71
C ILE C 167 27.26 -39.22 -18.65
N THR C 168 26.91 -40.45 -18.28
CA THR C 168 25.93 -40.68 -17.22
C THR C 168 26.57 -40.82 -15.83
N ASP C 169 27.90 -40.82 -15.74
CA ASP C 169 28.55 -41.12 -14.47
C ASP C 169 29.47 -40.00 -13.96
N PHE C 170 29.64 -39.95 -12.63
CA PHE C 170 30.14 -38.77 -11.92
C PHE C 170 30.97 -39.05 -10.67
N THR C 171 31.78 -38.06 -10.32
CA THR C 171 32.68 -38.07 -9.18
C THR C 171 32.16 -37.09 -8.10
N MET C 172 32.12 -37.52 -6.84
CA MET C 172 31.66 -36.64 -5.75
C MET C 172 32.81 -36.21 -4.85
N GLN C 173 32.84 -34.91 -4.55
CA GLN C 173 33.87 -34.34 -3.70
C GLN C 173 33.19 -33.73 -2.48
N PHE C 174 33.23 -34.48 -1.37
CA PHE C 174 32.59 -34.06 -0.11
C PHE C 174 33.39 -32.97 0.55
N VAL C 175 32.68 -32.00 1.12
CA VAL C 175 33.27 -30.72 1.52
C VAL C 175 32.71 -30.24 2.86
N SER C 176 33.51 -29.47 3.61
CA SER C 176 33.19 -29.04 4.99
C SER C 176 31.70 -29.23 5.32
N GLU D 20 2.14 -14.81 6.56
CA GLU D 20 1.46 -14.51 7.86
C GLU D 20 0.05 -13.99 7.60
N VAL D 21 -0.80 -14.06 8.62
CA VAL D 21 -2.08 -13.36 8.62
C VAL D 21 -1.85 -11.84 8.61
N GLN D 22 -2.60 -11.11 7.79
CA GLN D 22 -2.31 -9.71 7.50
C GLN D 22 -3.50 -8.90 7.06
N LEU D 23 -3.56 -7.65 7.52
CA LEU D 23 -4.48 -6.66 6.95
C LEU D 23 -3.66 -5.43 6.55
N VAL D 24 -3.83 -4.99 5.30
CA VAL D 24 -3.05 -3.89 4.72
C VAL D 24 -4.06 -2.84 4.27
N GLU D 25 -3.93 -1.63 4.80
CA GLU D 25 -4.87 -0.57 4.52
C GLU D 25 -4.37 0.31 3.40
N SER D 26 -5.30 1.07 2.88
CA SER D 26 -5.03 1.96 1.81
C SER D 26 -4.12 3.12 2.28
N GLY D 27 -3.52 3.86 1.35
CA GLY D 27 -2.57 4.98 1.67
C GLY D 27 -3.14 6.24 2.29
N ALA D 28 -2.27 7.07 2.85
CA ALA D 28 -2.69 8.32 3.48
C ALA D 28 -3.54 9.15 2.56
N GLU D 29 -4.51 9.88 3.13
CA GLU D 29 -5.40 10.67 2.35
C GLU D 29 -5.48 12.08 2.90
N VAL D 30 -5.40 13.05 1.98
CA VAL D 30 -5.67 14.44 2.33
C VAL D 30 -6.79 14.92 1.46
N LYS D 31 -7.86 15.42 2.06
CA LYS D 31 -9.06 15.82 1.31
C LYS D 31 -9.57 17.15 1.75
N LYS D 32 -10.48 17.71 0.97
CA LYS D 32 -11.17 18.93 1.35
C LYS D 32 -12.48 18.56 1.96
N PRO D 33 -13.02 19.44 2.84
CA PRO D 33 -14.35 19.29 3.38
C PRO D 33 -15.32 19.23 2.21
N GLY D 34 -16.26 18.32 2.26
CA GLY D 34 -17.25 18.13 1.21
C GLY D 34 -16.90 17.01 0.28
N GLU D 35 -15.62 16.66 0.18
CA GLU D 35 -15.25 15.56 -0.71
C GLU D 35 -15.71 14.18 -0.18
N SER D 36 -15.70 13.22 -1.08
CA SER D 36 -16.07 11.86 -0.77
C SER D 36 -14.81 11.10 -0.55
N LEU D 37 -14.91 10.00 0.16
CA LEU D 37 -13.74 9.24 0.41
C LEU D 37 -14.15 7.85 0.74
N LYS D 38 -13.44 6.89 0.16
CA LYS D 38 -13.65 5.53 0.53
C LYS D 38 -12.28 4.94 0.75
N ILE D 39 -12.06 4.36 1.92
CA ILE D 39 -10.78 3.68 2.19
C ILE D 39 -10.95 2.18 2.37
N SER D 40 -9.83 1.44 2.27
CA SER D 40 -9.91 0.01 2.14
C SER D 40 -8.99 -0.70 3.09
N CYS D 41 -9.35 -1.96 3.34
CA CYS D 41 -8.64 -2.86 4.27
C CYS D 41 -8.62 -4.21 3.59
N LYS D 42 -7.45 -4.66 3.17
CA LYS D 42 -7.35 -5.93 2.47
C LYS D 42 -6.61 -7.04 3.24
N GLY D 43 -7.27 -8.19 3.37
CA GLY D 43 -6.75 -9.30 4.15
C GLY D 43 -6.14 -10.38 3.30
N SER D 44 -5.03 -10.95 3.77
CA SER D 44 -4.44 -12.11 3.13
C SER D 44 -3.89 -13.06 4.19
N GLY D 45 -3.72 -14.31 3.80
CA GLY D 45 -3.08 -15.30 4.64
C GLY D 45 -4.10 -16.03 5.48
N TYR D 46 -5.37 -15.83 5.18
CA TYR D 46 -6.41 -16.47 5.95
C TYR D 46 -7.74 -16.27 5.25
N THR D 47 -8.75 -16.95 5.75
CA THR D 47 -10.05 -16.97 5.15
C THR D 47 -10.83 -15.70 5.44
N PHE D 48 -10.66 -14.72 4.58
CA PHE D 48 -11.29 -13.41 4.81
C PHE D 48 -12.79 -13.47 5.04
N THR D 49 -13.44 -14.45 4.43
CA THR D 49 -14.89 -14.53 4.44
C THR D 49 -15.42 -14.91 5.85
N SER D 50 -14.60 -15.64 6.61
CA SER D 50 -15.03 -16.27 7.86
C SER D 50 -14.90 -15.44 9.16
N TYR D 51 -14.38 -14.20 9.10
CA TYR D 51 -14.12 -13.41 10.31
C TYR D 51 -14.62 -11.97 10.23
N TRP D 52 -15.15 -11.45 11.32
CA TRP D 52 -15.60 -10.05 11.35
C TRP D 52 -14.43 -9.05 11.19
N ILE D 53 -14.73 -7.87 10.67
CA ILE D 53 -13.75 -6.83 10.54
C ILE D 53 -14.34 -5.57 11.11
N GLY D 54 -13.55 -4.89 11.98
CA GLY D 54 -13.99 -3.65 12.60
C GLY D 54 -13.23 -2.43 12.11
N TRP D 55 -13.85 -1.28 12.24
CA TRP D 55 -13.21 -0.02 11.91
C TRP D 55 -13.12 0.76 13.20
N VAL D 56 -11.94 1.35 13.42
CA VAL D 56 -11.63 2.07 14.66
C VAL D 56 -11.06 3.44 14.31
N ARG D 57 -11.66 4.46 14.89
CA ARG D 57 -11.10 5.80 14.73
C ARG D 57 -10.16 6.18 15.89
N GLN D 58 -9.09 6.90 15.54
CA GLN D 58 -8.26 7.57 16.51
C GLN D 58 -7.93 8.96 16.02
N MET D 59 -8.57 9.91 16.64
CA MET D 59 -8.28 11.31 16.37
C MET D 59 -6.96 11.73 16.99
N PRO D 60 -6.34 12.78 16.43
CA PRO D 60 -4.98 13.09 16.85
C PRO D 60 -4.84 13.27 18.36
N GLY D 61 -3.89 12.56 18.94
CA GLY D 61 -3.65 12.62 20.36
C GLY D 61 -4.70 12.01 21.28
N LYS D 62 -5.59 11.15 20.75
CA LYS D 62 -6.73 10.65 21.55
C LYS D 62 -6.79 9.16 21.53
N GLY D 63 -7.73 8.60 22.29
CA GLY D 63 -7.92 7.17 22.34
C GLY D 63 -8.63 6.60 21.12
N LEU D 64 -8.99 5.37 21.27
CA LEU D 64 -9.55 4.57 20.23
C LEU D 64 -11.06 4.58 20.38
N GLU D 65 -11.76 4.66 19.26
CA GLU D 65 -13.22 4.59 19.28
C GLU D 65 -13.69 3.58 18.26
N TRP D 66 -14.63 2.75 18.64
CA TRP D 66 -15.13 1.73 17.74
C TRP D 66 -16.18 2.35 16.87
N MET D 67 -16.09 2.08 15.56
CA MET D 67 -16.99 2.67 14.59
C MET D 67 -18.06 1.66 14.06
N GLY D 68 -17.65 0.44 13.76
CA GLY D 68 -18.59 -0.51 13.16
C GLY D 68 -17.85 -1.76 12.84
N ILE D 69 -18.60 -2.78 12.49
CA ILE D 69 -18.05 -4.08 12.20
C ILE D 69 -18.76 -4.65 10.95
N ILE D 70 -18.12 -5.55 10.22
CA ILE D 70 -18.74 -6.18 9.08
C ILE D 70 -18.28 -7.62 8.98
N TYR D 71 -19.23 -8.51 8.71
CA TYR D 71 -18.86 -9.90 8.39
C TYR D 71 -18.72 -10.00 6.88
N PRO D 72 -17.54 -10.38 6.38
CA PRO D 72 -17.35 -10.35 4.92
C PRO D 72 -18.00 -11.52 4.11
N GLY D 73 -18.07 -12.71 4.67
CA GLY D 73 -18.64 -13.85 3.95
C GLY D 73 -19.94 -13.43 3.30
N ASP D 74 -20.83 -12.90 4.12
CA ASP D 74 -21.88 -12.02 3.65
C ASP D 74 -21.77 -10.73 4.44
N SER D 75 -22.09 -9.62 3.78
CA SER D 75 -21.89 -8.30 4.31
C SER D 75 -22.78 -7.92 5.49
N ASP D 76 -23.02 -8.83 6.43
CA ASP D 76 -23.69 -8.46 7.68
C ASP D 76 -22.90 -7.35 8.39
N THR D 77 -23.60 -6.30 8.81
CA THR D 77 -22.94 -5.06 9.21
C THR D 77 -23.64 -4.42 10.39
N ARG D 78 -22.85 -3.88 11.33
CA ARG D 78 -23.38 -3.25 12.53
C ARG D 78 -22.54 -2.03 12.86
N TYR D 79 -23.21 -0.94 13.18
CA TYR D 79 -22.56 0.30 13.48
C TYR D 79 -22.63 0.63 14.96
N SER D 80 -21.62 1.36 15.42
CA SER D 80 -21.74 2.15 16.63
C SER D 80 -22.84 3.19 16.44
N PRO D 81 -23.68 3.40 17.46
CA PRO D 81 -24.70 4.44 17.40
C PRO D 81 -24.21 5.82 17.00
N SER D 82 -23.07 6.27 17.53
CA SER D 82 -22.52 7.61 17.16
C SER D 82 -21.85 7.65 15.77
N PHE D 83 -21.81 6.53 15.06
CA PHE D 83 -21.37 6.55 13.66
C PHE D 83 -22.40 6.01 12.68
N GLN D 84 -23.45 5.38 13.20
CA GLN D 84 -24.59 4.96 12.37
C GLN D 84 -25.04 6.10 11.47
N GLY D 85 -25.04 5.87 10.16
CA GLY D 85 -25.50 6.91 9.22
C GLY D 85 -24.59 8.09 8.96
N GLN D 86 -23.35 8.07 9.50
CA GLN D 86 -22.30 9.04 9.14
C GLN D 86 -21.27 8.45 8.17
N VAL D 87 -21.21 7.14 8.10
CA VAL D 87 -20.23 6.49 7.28
C VAL D 87 -20.90 5.27 6.74
N THR D 88 -20.36 4.71 5.67
CA THR D 88 -20.83 3.40 5.28
C THR D 88 -19.71 2.43 5.32
N ILE D 89 -19.97 1.26 5.89
CA ILE D 89 -18.99 0.18 5.93
C ILE D 89 -19.44 -0.90 4.95
N SER D 90 -18.52 -1.48 4.18
CA SER D 90 -18.89 -2.42 3.13
C SER D 90 -17.77 -3.42 2.89
N ALA D 91 -18.05 -4.41 2.06
CA ALA D 91 -17.07 -5.44 1.78
C ALA D 91 -17.15 -5.93 0.33
N ASP D 92 -16.00 -6.20 -0.27
CA ASP D 92 -15.92 -6.96 -1.51
C ASP D 92 -15.09 -8.22 -1.30
N LYS D 93 -15.78 -9.34 -1.06
CA LYS D 93 -15.14 -10.64 -0.81
C LYS D 93 -14.42 -11.24 -2.01
N SER D 94 -14.75 -10.88 -3.24
CA SER D 94 -13.92 -11.38 -4.36
C SER D 94 -12.45 -10.97 -4.23
N ILE D 95 -12.19 -9.78 -3.67
CA ILE D 95 -10.81 -9.27 -3.49
C ILE D 95 -10.39 -9.19 -2.01
N SER D 96 -11.07 -9.93 -1.12
CA SER D 96 -10.77 -9.93 0.31
C SER D 96 -10.55 -8.48 0.89
N THR D 97 -11.54 -7.61 0.73
CA THR D 97 -11.35 -6.20 1.01
C THR D 97 -12.57 -5.61 1.68
N ALA D 98 -12.36 -4.92 2.80
CA ALA D 98 -13.42 -4.18 3.50
C ALA D 98 -13.18 -2.68 3.33
N TYR D 99 -14.23 -1.88 3.44
CA TYR D 99 -14.19 -0.47 3.15
C TYR D 99 -14.89 0.34 4.20
N LEU D 100 -14.49 1.60 4.28
CA LEU D 100 -15.15 2.56 5.12
C LEU D 100 -15.23 3.81 4.29
N GLN D 101 -16.38 4.47 4.31
CA GLN D 101 -16.53 5.65 3.45
C GLN D 101 -17.39 6.74 3.98
N TRP D 102 -17.12 7.92 3.43
CA TRP D 102 -17.85 9.14 3.71
C TRP D 102 -18.28 9.74 2.35
N SER D 103 -19.39 10.45 2.39
CA SER D 103 -20.00 11.12 1.25
C SER D 103 -19.62 12.58 1.24
N SER D 104 -19.56 13.13 2.45
CA SER D 104 -19.24 14.50 2.67
C SER D 104 -18.32 14.67 3.90
N LEU D 105 -17.02 14.74 3.68
CA LEU D 105 -16.04 14.90 4.76
C LEU D 105 -16.14 16.24 5.48
N LYS D 106 -15.86 16.21 6.78
CA LYS D 106 -15.66 17.43 7.57
C LYS D 106 -14.23 17.46 8.09
N ALA D 107 -13.79 18.65 8.46
CA ALA D 107 -12.49 18.85 9.03
C ALA D 107 -12.33 17.97 10.26
N SER D 108 -13.41 17.82 11.00
CA SER D 108 -13.46 17.00 12.18
C SER D 108 -13.35 15.47 11.95
N ASP D 109 -13.35 14.99 10.71
CA ASP D 109 -13.06 13.56 10.44
C ASP D 109 -11.57 13.34 10.30
N THR D 110 -10.78 14.41 10.42
CA THR D 110 -9.32 14.26 10.50
C THR D 110 -8.92 13.29 11.64
N ALA D 111 -8.34 12.15 11.30
CA ALA D 111 -8.00 11.14 12.28
C ALA D 111 -7.29 10.03 11.62
N MET D 112 -6.73 9.10 12.43
CA MET D 112 -6.17 7.89 11.98
C MET D 112 -7.30 6.86 12.01
N TYR D 113 -7.39 6.04 10.96
CA TYR D 113 -8.41 4.98 10.90
C TYR D 113 -7.75 3.62 10.81
N TYR D 114 -8.15 2.70 11.69
CA TYR D 114 -7.69 1.35 11.65
C TYR D 114 -8.81 0.40 11.30
N CYS D 115 -8.42 -0.71 10.65
CA CYS D 115 -9.29 -1.84 10.51
C CYS D 115 -8.65 -2.92 11.30
N ALA D 116 -9.44 -3.84 11.80
CA ALA D 116 -8.97 -4.91 12.67
C ALA D 116 -9.89 -6.14 12.59
N ARG D 117 -9.28 -7.30 12.71
CA ARG D 117 -10.02 -8.56 12.68
C ARG D 117 -10.51 -8.89 14.08
N PHE D 118 -11.83 -9.16 14.21
CA PHE D 118 -12.45 -9.56 15.48
C PHE D 118 -12.68 -11.06 15.50
N VAL D 119 -12.09 -11.73 16.49
CA VAL D 119 -12.16 -13.17 16.60
C VAL D 119 -12.93 -13.63 17.86
N SER D 120 -13.27 -14.94 17.91
CA SER D 120 -14.12 -15.51 19.01
C SER D 120 -13.48 -15.45 20.38
N LEU D 121 -12.18 -15.25 20.41
CA LEU D 121 -11.50 -14.88 21.63
C LEU D 121 -12.13 -13.65 22.21
N ASP D 122 -12.92 -12.96 21.40
CA ASP D 122 -13.57 -11.75 21.82
C ASP D 122 -12.52 -10.55 21.91
N ALA D 123 -11.66 -10.49 20.88
CA ALA D 123 -10.60 -9.44 20.78
C ALA D 123 -10.27 -9.10 19.30
N PHE D 124 -9.75 -7.91 19.06
CA PHE D 124 -9.17 -7.56 17.77
C PHE D 124 -7.76 -8.10 17.78
N ASP D 125 -7.54 -9.21 17.09
CA ASP D 125 -6.28 -9.94 17.17
C ASP D 125 -5.26 -9.54 16.11
N ILE D 126 -5.75 -9.05 14.98
CA ILE D 126 -4.89 -8.55 13.92
C ILE D 126 -5.39 -7.19 13.50
N TRP D 127 -4.46 -6.24 13.47
CA TRP D 127 -4.78 -4.87 13.06
C TRP D 127 -4.12 -4.45 11.76
N GLY D 128 -4.80 -3.60 10.98
CA GLY D 128 -4.19 -2.99 9.81
C GLY D 128 -3.18 -1.92 10.26
N GLN D 129 -2.38 -1.36 9.34
CA GLN D 129 -1.33 -0.38 9.76
C GLN D 129 -1.89 1.03 10.02
N GLY D 130 -3.15 1.26 9.70
CA GLY D 130 -3.77 2.56 9.80
C GLY D 130 -3.76 3.37 8.50
N THR D 131 -4.75 4.18 8.33
CA THR D 131 -4.81 5.13 7.23
C THR D 131 -5.02 6.45 7.83
N MET D 132 -4.10 7.41 7.63
CA MET D 132 -4.35 8.77 8.05
C MET D 132 -5.24 9.49 7.07
N VAL D 133 -6.28 10.11 7.58
CA VAL D 133 -7.05 11.04 6.79
C VAL D 133 -7.06 12.43 7.40
N THR D 134 -6.71 13.39 6.56
CA THR D 134 -6.68 14.81 6.93
C THR D 134 -7.60 15.62 6.04
N VAL D 135 -8.48 16.38 6.65
CA VAL D 135 -9.45 17.14 5.93
C VAL D 135 -9.22 18.61 6.23
N SER D 136 -8.98 19.36 5.17
CA SER D 136 -8.70 20.77 5.26
C SER D 136 -8.92 21.41 3.88
N SER D 137 -9.22 22.69 3.88
CA SER D 137 -9.33 23.51 2.66
C SER D 137 -7.97 23.98 2.15
N ALA D 138 -6.91 23.80 2.94
CA ALA D 138 -5.56 24.22 2.54
C ALA D 138 -5.05 23.48 1.31
N SER D 139 -4.32 24.19 0.46
CA SER D 139 -3.52 23.60 -0.58
C SER D 139 -2.12 23.25 -0.10
N THR D 140 -1.54 22.26 -0.75
CA THR D 140 -0.18 21.86 -0.45
C THR D 140 0.81 23.02 -0.58
N LYS D 141 1.70 23.19 0.39
CA LYS D 141 2.68 24.29 0.41
C LYS D 141 3.96 23.90 1.16
N GLY D 142 5.08 24.13 0.53
CA GLY D 142 6.35 23.85 1.14
C GLY D 142 6.64 24.85 2.24
N PRO D 143 7.53 24.50 3.17
CA PRO D 143 7.77 25.45 4.25
C PRO D 143 8.82 26.44 3.88
N SER D 144 8.66 27.65 4.41
CA SER D 144 9.77 28.56 4.63
C SER D 144 10.61 28.09 5.83
N VAL D 145 11.93 28.15 5.70
CA VAL D 145 12.83 27.70 6.75
C VAL D 145 13.70 28.86 7.27
N PHE D 146 13.47 29.23 8.53
CA PHE D 146 14.18 30.36 9.12
C PHE D 146 15.17 29.89 10.20
N PRO D 147 16.36 30.51 10.27
CA PRO D 147 17.32 30.05 11.27
C PRO D 147 16.91 30.44 12.69
N LEU D 148 17.31 29.62 13.63
CA LEU D 148 17.17 29.94 15.03
C LEU D 148 18.60 30.06 15.49
N ALA D 149 19.10 31.28 15.31
CA ALA D 149 20.52 31.61 15.45
C ALA D 149 20.97 31.39 16.89
N PRO D 150 22.11 30.73 17.09
CA PRO D 150 22.64 30.69 18.42
C PRO D 150 23.33 32.01 18.78
N SER D 151 23.32 32.32 20.05
CA SER D 151 23.76 33.58 20.47
C SER D 151 24.04 33.46 21.94
N SER D 152 24.22 34.64 22.59
CA SER D 152 24.30 34.83 24.09
C SER D 152 23.03 34.30 24.82
N LYS D 153 21.90 34.44 24.12
CA LYS D 153 20.59 34.07 24.63
C LYS D 153 20.18 32.60 24.47
N SER D 154 21.09 31.76 24.00
CA SER D 154 20.83 30.32 23.82
C SER D 154 21.99 29.47 24.34
N THR D 155 22.89 30.09 25.12
CA THR D 155 24.14 29.47 25.57
C THR D 155 24.06 29.23 27.08
N SER D 156 24.65 28.13 27.53
CA SER D 156 24.78 27.87 28.95
C SER D 156 25.72 26.73 29.17
N GLY D 157 26.62 26.88 30.14
CA GLY D 157 27.41 25.76 30.65
C GLY D 157 28.25 25.08 29.60
N GLY D 158 28.81 25.89 28.71
CA GLY D 158 29.63 25.42 27.61
C GLY D 158 28.89 25.03 26.33
N THR D 159 27.55 25.08 26.33
CA THR D 159 26.78 24.62 25.17
C THR D 159 25.88 25.72 24.62
N ALA D 160 25.70 25.70 23.30
CA ALA D 160 24.78 26.61 22.59
C ALA D 160 23.65 25.84 21.95
N ALA D 161 22.44 26.32 22.11
CA ALA D 161 21.30 25.82 21.36
C ALA D 161 21.08 26.66 20.11
N LEU D 162 20.80 25.97 19.01
CA LEU D 162 20.47 26.59 17.71
C LEU D 162 19.41 25.73 16.98
N GLY D 163 18.79 26.23 15.93
CA GLY D 163 17.79 25.42 15.21
C GLY D 163 17.32 25.96 13.86
N CYS D 164 16.18 25.44 13.44
CA CYS D 164 15.46 26.00 12.32
C CYS D 164 13.95 26.03 12.61
N LEU D 165 13.27 27.09 12.21
CA LEU D 165 11.83 27.17 12.28
C LEU D 165 11.25 26.82 10.89
N VAL D 166 10.47 25.74 10.82
CA VAL D 166 9.89 25.25 9.57
C VAL D 166 8.45 25.71 9.55
N LYS D 167 8.18 26.83 8.90
CA LYS D 167 6.88 27.49 9.05
C LYS D 167 6.01 27.47 7.78
N ASP D 168 4.72 27.26 7.99
CA ASP D 168 3.67 27.52 7.01
C ASP D 168 3.70 26.50 5.89
N TYR D 169 3.55 25.23 6.26
CA TYR D 169 3.48 24.15 5.29
C TYR D 169 2.22 23.37 5.42
N PHE D 170 1.93 22.62 4.35
CA PHE D 170 0.79 21.76 4.31
C PHE D 170 0.93 20.76 3.20
N PRO D 171 0.58 19.49 3.47
CA PRO D 171 0.19 18.99 4.80
C PRO D 171 1.41 18.42 5.56
N GLU D 172 1.19 17.70 6.66
CA GLU D 172 2.26 16.87 7.27
C GLU D 172 2.66 15.69 6.37
N PRO D 173 3.88 15.11 6.55
CA PRO D 173 4.88 15.58 7.49
C PRO D 173 6.01 16.29 6.81
N VAL D 174 6.90 16.91 7.59
CA VAL D 174 8.23 17.28 7.13
C VAL D 174 9.19 16.49 7.96
N THR D 175 10.38 16.22 7.45
CA THR D 175 11.49 15.68 8.23
C THR D 175 12.67 16.66 8.23
N VAL D 176 13.42 16.66 9.32
CA VAL D 176 14.60 17.48 9.47
C VAL D 176 15.71 16.54 9.90
N SER D 177 16.86 16.66 9.28
CA SER D 177 18.11 16.13 9.76
C SER D 177 19.06 17.32 9.95
N TRP D 178 20.22 17.08 10.55
CA TRP D 178 21.27 18.11 10.69
C TRP D 178 22.59 17.67 10.05
N ASN D 179 23.21 18.53 9.25
CA ASN D 179 24.48 18.15 8.63
C ASN D 179 24.35 16.81 7.92
N SER D 180 23.29 16.68 7.13
CA SER D 180 23.00 15.48 6.30
C SER D 180 22.99 14.15 7.04
N GLY D 181 22.72 14.17 8.36
CA GLY D 181 22.63 12.96 9.17
C GLY D 181 23.81 12.66 10.07
N ALA D 182 24.92 13.39 9.92
CA ALA D 182 26.08 13.18 10.79
C ALA D 182 25.99 13.84 12.18
N LEU D 183 25.05 14.78 12.37
CA LEU D 183 24.78 15.32 13.68
C LEU D 183 23.41 14.84 14.16
N THR D 184 23.40 13.96 15.15
CA THR D 184 22.17 13.46 15.79
C THR D 184 22.05 13.75 17.31
N SER D 185 23.17 13.79 18.03
CA SER D 185 23.15 14.05 19.46
C SER D 185 22.66 15.48 19.81
N GLY D 186 21.80 15.57 20.82
CA GLY D 186 21.23 16.83 21.25
C GLY D 186 20.16 17.41 20.35
N VAL D 187 19.77 16.66 19.32
CA VAL D 187 18.73 17.10 18.39
C VAL D 187 17.33 16.87 18.99
N HIS D 188 16.46 17.87 18.90
CA HIS D 188 15.08 17.69 19.29
C HIS D 188 14.28 18.22 18.14
N THR D 189 13.45 17.37 17.54
CA THR D 189 12.58 17.87 16.50
C THR D 189 11.20 17.77 17.08
N PHE D 190 10.52 18.90 17.12
CA PHE D 190 9.27 18.98 17.85
C PHE D 190 8.05 18.56 17.03
N PRO D 191 6.96 18.14 17.69
CA PRO D 191 5.66 18.05 16.96
C PRO D 191 5.16 19.35 16.37
N ALA D 192 4.51 19.25 15.20
CA ALA D 192 4.04 20.43 14.48
C ALA D 192 2.85 20.97 15.17
N VAL D 193 2.58 22.26 15.01
CA VAL D 193 1.35 22.80 15.50
C VAL D 193 0.61 23.27 14.26
N LEU D 194 -0.70 23.18 14.35
CA LEU D 194 -1.60 23.68 13.31
C LEU D 194 -2.05 25.09 13.68
N GLN D 195 -1.56 26.07 12.92
CA GLN D 195 -1.98 27.45 13.09
C GLN D 195 -3.41 27.70 12.54
N SER D 196 -4.01 28.79 13.00
CA SER D 196 -5.32 29.33 12.59
C SER D 196 -5.41 29.53 11.12
N SER D 197 -4.29 29.90 10.53
CA SER D 197 -3.95 29.78 9.11
C SER D 197 -4.47 28.52 8.36
N GLY D 198 -4.55 27.39 9.06
CA GLY D 198 -4.68 26.08 8.39
C GLY D 198 -3.35 25.51 7.94
N LEU D 199 -2.25 26.26 8.10
CA LEU D 199 -0.90 25.78 7.81
C LEU D 199 -0.12 25.37 9.09
N TYR D 200 0.80 24.41 8.93
CA TYR D 200 1.56 23.89 10.06
C TYR D 200 2.89 24.62 10.21
N SER D 201 3.46 24.49 11.41
CA SER D 201 4.78 25.01 11.71
C SER D 201 5.49 24.12 12.73
N LEU D 202 6.80 23.95 12.62
CA LEU D 202 7.50 23.18 13.63
C LEU D 202 8.92 23.68 13.78
N SER D 203 9.61 23.20 14.81
CA SER D 203 10.99 23.56 15.05
C SER D 203 11.79 22.32 15.29
N SER D 204 13.08 22.44 14.97
CA SER D 204 14.06 21.46 15.30
C SER D 204 15.23 22.21 15.93
N VAL D 205 15.83 21.65 16.98
CA VAL D 205 16.92 22.34 17.63
C VAL D 205 17.93 21.31 18.02
N VAL D 206 19.16 21.78 18.14
CA VAL D 206 20.27 20.96 18.58
C VAL D 206 21.08 21.83 19.49
N THR D 207 21.71 21.18 20.46
CA THR D 207 22.65 21.83 21.34
C THR D 207 24.03 21.30 21.04
N VAL D 208 24.97 22.23 20.90
CA VAL D 208 26.34 21.92 20.50
C VAL D 208 27.33 22.62 21.45
N PRO D 209 28.59 22.16 21.53
CA PRO D 209 29.58 22.92 22.27
C PRO D 209 29.70 24.34 21.75
N SER D 210 29.54 25.32 22.62
CA SER D 210 29.83 26.72 22.26
C SER D 210 31.21 26.92 21.58
N SER D 211 32.21 26.10 21.90
CA SER D 211 33.50 26.13 21.19
C SER D 211 33.50 25.59 19.75
N SER D 212 32.39 25.00 19.31
CA SER D 212 32.20 24.58 17.91
C SER D 212 31.74 25.71 17.00
N LEU D 213 31.29 26.83 17.57
CA LEU D 213 30.53 27.79 16.77
C LEU D 213 31.34 28.44 15.65
N GLY D 214 32.54 28.94 15.96
CA GLY D 214 33.37 29.61 14.96
C GLY D 214 33.93 28.67 13.91
N THR D 215 34.08 27.40 14.26
CA THR D 215 34.77 26.43 13.41
C THR D 215 33.85 25.47 12.64
N GLN D 216 32.73 25.10 13.23
CA GLN D 216 31.87 24.02 12.68
C GLN D 216 30.64 24.63 11.99
N THR D 217 30.32 24.13 10.81
CA THR D 217 29.12 24.59 10.10
C THR D 217 27.92 23.74 10.50
N TYR D 218 26.76 24.37 10.73
CA TYR D 218 25.53 23.64 11.03
C TYR D 218 24.44 23.90 10.01
N ILE D 219 23.90 22.79 9.51
CA ILE D 219 22.90 22.79 8.42
C ILE D 219 21.74 21.89 8.81
N CYS D 220 20.54 22.45 8.81
CA CYS D 220 19.32 21.69 8.89
C CYS D 220 18.77 21.40 7.50
N ASN D 221 18.48 20.12 7.26
CA ASN D 221 18.00 19.66 5.98
C ASN D 221 16.49 19.38 6.11
N VAL D 222 15.67 20.24 5.53
CA VAL D 222 14.23 20.15 5.63
C VAL D 222 13.52 19.52 4.41
N ASN D 223 12.94 18.35 4.63
CA ASN D 223 12.22 17.60 3.61
C ASN D 223 10.73 17.69 3.78
N HIS D 224 10.05 18.07 2.70
CA HIS D 224 8.59 18.11 2.67
C HIS D 224 8.07 17.43 1.39
N LYS D 225 7.98 16.12 1.49
CA LYS D 225 7.70 15.29 0.32
C LYS D 225 6.45 15.72 -0.45
N PRO D 226 5.39 16.14 0.25
CA PRO D 226 4.22 16.52 -0.51
C PRO D 226 4.33 17.69 -1.47
N SER D 227 5.26 18.61 -1.20
CA SER D 227 5.48 19.76 -2.03
C SER D 227 6.67 19.48 -2.94
N ASN D 228 7.26 18.29 -2.83
CA ASN D 228 8.52 17.96 -3.48
C ASN D 228 9.66 18.97 -3.24
N THR D 229 9.73 19.55 -2.04
CA THR D 229 10.77 20.54 -1.67
C THR D 229 11.78 19.96 -0.67
N LYS D 230 13.06 20.22 -0.87
CA LYS D 230 14.11 19.89 0.05
C LYS D 230 14.87 21.18 0.29
N VAL D 231 15.03 21.61 1.55
CA VAL D 231 15.71 22.88 1.83
C VAL D 231 16.83 22.65 2.84
N ASP D 232 18.01 23.20 2.54
CA ASP D 232 19.18 23.10 3.40
C ASP D 232 19.49 24.51 3.83
N LYS D 233 19.27 24.82 5.11
CA LYS D 233 19.52 26.16 5.68
C LYS D 233 20.72 26.16 6.63
N ARG D 234 21.76 26.88 6.22
CA ARG D 234 22.94 27.11 7.05
C ARG D 234 22.53 27.94 8.25
N VAL D 235 22.91 27.58 9.47
CA VAL D 235 22.46 28.39 10.64
C VAL D 235 23.66 29.14 11.23
N GLU D 236 23.73 30.46 11.03
CA GLU D 236 24.92 31.27 11.44
C GLU D 236 24.85 31.83 12.85
N PRO D 237 25.95 31.74 13.61
CA PRO D 237 25.90 32.36 14.94
C PRO D 237 25.60 33.86 14.90
N LYS D 238 24.77 34.31 15.82
CA LYS D 238 24.35 35.70 15.93
C LYS D 238 24.96 36.22 17.22
N SER D 239 25.40 37.48 17.24
CA SER D 239 25.96 38.05 18.47
C SER D 239 25.45 39.46 18.70
N CYS D 240 24.53 39.69 19.64
CA CYS D 240 23.89 38.70 20.50
C CYS D 240 24.82 37.79 21.30
N GLU E 21 -25.58 1.51 29.58
CA GLU E 21 -24.38 1.14 28.77
C GLU E 21 -23.23 0.70 29.68
N ILE E 22 -22.48 -0.31 29.25
CA ILE E 22 -21.27 -0.67 29.98
C ILE E 22 -20.21 0.41 29.69
N VAL E 23 -19.66 0.98 30.74
CA VAL E 23 -18.55 1.92 30.60
C VAL E 23 -17.31 1.28 31.21
N LEU E 24 -16.22 1.28 30.43
CA LEU E 24 -14.91 0.88 30.94
C LEU E 24 -14.13 2.14 31.26
N THR E 25 -13.56 2.21 32.44
CA THR E 25 -12.69 3.32 32.78
C THR E 25 -11.27 2.86 33.15
N GLN E 26 -10.30 3.69 32.80
CA GLN E 26 -8.89 3.46 33.11
C GLN E 26 -8.34 4.65 33.86
N SER E 27 -7.65 4.40 34.94
CA SER E 27 -6.97 5.49 35.64
C SER E 27 -5.61 5.00 36.11
N PRO E 28 -4.63 5.87 36.09
CA PRO E 28 -4.58 7.22 35.68
C PRO E 28 -4.34 7.38 34.16
N ALA E 29 -4.36 8.63 33.68
CA ALA E 29 -4.02 8.94 32.28
C ALA E 29 -2.54 8.69 32.03
N THR E 30 -1.70 9.17 32.96
CA THR E 30 -0.25 8.93 32.94
C THR E 30 0.24 8.23 34.19
N LEU E 31 0.83 7.06 33.99
CA LEU E 31 1.42 6.27 35.08
C LEU E 31 2.94 6.38 34.99
N SER E 32 3.54 7.12 35.91
CA SER E 32 4.98 7.40 35.87
C SER E 32 5.77 6.38 36.70
N LEU E 33 6.53 5.50 36.07
CA LEU E 33 7.24 4.40 36.76
C LEU E 33 8.65 4.32 36.23
N SER E 34 9.55 3.73 36.99
CA SER E 34 10.93 3.56 36.63
C SER E 34 11.13 2.36 35.72
N PRO E 35 12.17 2.42 34.86
CA PRO E 35 12.56 1.25 34.11
C PRO E 35 12.92 0.11 35.09
N GLY E 36 12.50 -1.11 34.81
CA GLY E 36 12.72 -2.21 35.73
C GLY E 36 11.63 -2.43 36.79
N GLU E 37 10.77 -1.44 37.00
CA GLU E 37 9.77 -1.54 38.02
C GLU E 37 8.64 -2.39 37.46
N ARG E 38 7.87 -3.01 38.36
CA ARG E 38 6.58 -3.64 37.99
C ARG E 38 5.52 -2.55 37.73
N ALA E 39 4.68 -2.78 36.73
CA ALA E 39 3.56 -1.93 36.37
C ALA E 39 2.25 -2.71 36.48
N THR E 40 1.30 -2.13 37.17
CA THR E 40 -0.03 -2.72 37.31
C THR E 40 -0.98 -1.65 36.82
N LEU E 41 -1.71 -1.96 35.76
CA LEU E 41 -2.61 -0.98 35.22
C LEU E 41 -3.98 -1.55 35.50
N SER E 42 -4.95 -0.68 35.73
CA SER E 42 -6.28 -1.10 36.11
C SER E 42 -7.32 -0.70 35.09
N CYS E 43 -8.36 -1.51 35.01
CA CYS E 43 -9.48 -1.25 34.14
C CYS E 43 -10.75 -1.59 34.91
N ARG E 44 -11.68 -0.64 34.92
CA ARG E 44 -12.89 -0.77 35.72
C ARG E 44 -14.11 -0.91 34.77
N ALA E 45 -15.00 -1.84 35.04
CA ALA E 45 -16.26 -1.86 34.31
C ALA E 45 -17.40 -1.40 35.20
N SER E 46 -18.19 -0.46 34.69
CA SER E 46 -19.35 0.07 35.42
C SER E 46 -20.32 -1.01 35.88
N GLN E 47 -20.54 -2.03 35.06
CA GLN E 47 -21.36 -3.17 35.50
C GLN E 47 -20.58 -4.43 35.23
N SER E 48 -20.92 -5.50 35.92
CA SER E 48 -20.20 -6.75 35.70
C SER E 48 -20.13 -7.08 34.23
N VAL E 49 -19.08 -7.80 33.89
CA VAL E 49 -18.87 -8.29 32.56
C VAL E 49 -18.23 -9.63 32.85
N SER E 50 -18.32 -10.53 31.91
CA SER E 50 -17.60 -11.79 32.05
C SER E 50 -16.09 -11.48 32.09
N SER E 51 -15.28 -12.53 32.07
CA SER E 51 -13.85 -12.36 31.98
C SER E 51 -13.39 -11.93 30.58
N TYR E 52 -14.30 -11.60 29.66
CA TYR E 52 -13.90 -11.34 28.28
C TYR E 52 -13.47 -9.89 28.16
N LEU E 53 -12.24 -9.63 28.61
CA LEU E 53 -11.73 -8.27 28.59
C LEU E 53 -10.44 -8.39 27.87
N ALA E 54 -10.20 -7.50 26.93
CA ALA E 54 -8.95 -7.55 26.21
C ALA E 54 -8.09 -6.33 26.52
N TRP E 55 -6.79 -6.47 26.32
CA TRP E 55 -5.87 -5.31 26.41
C TRP E 55 -5.02 -5.19 25.16
N TYR E 56 -4.88 -3.94 24.70
CA TYR E 56 -4.05 -3.56 23.57
C TYR E 56 -2.88 -2.65 23.99
N GLN E 57 -1.74 -2.81 23.33
CA GLN E 57 -0.62 -1.87 23.47
C GLN E 57 -0.51 -1.01 22.23
N GLN E 58 -0.27 0.28 22.37
CA GLN E 58 0.02 1.06 21.17
C GLN E 58 1.36 1.79 21.40
N LYS E 59 2.39 1.33 20.73
CA LYS E 59 3.69 1.98 20.80
C LYS E 59 3.60 3.25 20.00
N PRO E 60 4.49 4.22 20.30
CA PRO E 60 4.31 5.48 19.62
C PRO E 60 4.48 5.33 18.10
N GLY E 61 3.69 6.06 17.34
CA GLY E 61 3.73 5.99 15.89
C GLY E 61 3.28 4.67 15.27
N GLN E 62 2.60 3.81 16.01
CA GLN E 62 2.23 2.48 15.48
C GLN E 62 0.81 2.16 15.79
N ALA E 63 0.31 1.14 15.11
CA ALA E 63 -1.02 0.64 15.31
C ALA E 63 -1.06 -0.12 16.65
N PRO E 64 -2.24 -0.29 17.22
CA PRO E 64 -2.39 -1.14 18.41
C PRO E 64 -2.10 -2.59 18.08
N ARG E 65 -1.71 -3.34 19.09
CA ARG E 65 -1.67 -4.79 18.96
C ARG E 65 -2.29 -5.38 20.24
N LEU E 66 -2.84 -6.57 20.07
CA LEU E 66 -3.46 -7.26 21.14
C LEU E 66 -2.41 -7.73 22.09
N LEU E 67 -2.65 -7.56 23.40
CA LEU E 67 -1.78 -8.17 24.39
C LEU E 67 -2.40 -9.35 25.13
N ILE E 68 -3.56 -9.09 25.73
CA ILE E 68 -4.25 -10.03 26.59
C ILE E 68 -5.68 -10.16 26.05
N TYR E 69 -6.22 -11.37 26.03
CA TYR E 69 -7.66 -11.58 25.77
C TYR E 69 -8.25 -12.47 26.86
N ASP E 70 -9.54 -12.34 27.07
CA ASP E 70 -10.21 -13.04 28.15
C ASP E 70 -9.47 -12.84 29.49
N ALA E 71 -9.13 -11.59 29.81
CA ALA E 71 -8.59 -11.18 31.09
C ALA E 71 -7.18 -11.60 31.39
N SER E 72 -6.82 -12.85 31.09
CA SER E 72 -5.59 -13.50 31.62
C SER E 72 -4.79 -14.26 30.58
N ASN E 73 -5.26 -14.29 29.36
CA ASN E 73 -4.61 -15.08 28.33
C ASN E 73 -3.78 -14.17 27.42
N ARG E 74 -2.50 -14.47 27.30
CA ARG E 74 -1.55 -13.73 26.48
C ARG E 74 -1.70 -14.11 25.01
N ALA E 75 -1.69 -13.13 24.12
CA ALA E 75 -1.83 -13.40 22.70
C ALA E 75 -0.53 -13.97 22.18
N THR E 76 -0.57 -14.56 20.99
CA THR E 76 0.59 -15.32 20.50
C THR E 76 1.75 -14.36 20.23
N GLY E 77 2.97 -14.73 20.61
CA GLY E 77 4.15 -13.86 20.45
C GLY E 77 4.40 -12.77 21.47
N ILE E 78 3.59 -12.69 22.50
CA ILE E 78 3.60 -11.59 23.47
C ILE E 78 4.52 -12.02 24.57
N PRO E 79 5.50 -11.17 24.94
CA PRO E 79 6.43 -11.61 25.95
C PRO E 79 5.77 -12.01 27.26
N ALA E 80 6.37 -12.99 27.93
CA ALA E 80 5.91 -13.53 29.19
C ALA E 80 5.81 -12.51 30.32
N ARG E 81 6.53 -11.39 30.24
CA ARG E 81 6.46 -10.42 31.32
C ARG E 81 5.08 -9.76 31.37
N PHE E 82 4.28 -9.89 30.30
CA PHE E 82 2.91 -9.37 30.34
C PHE E 82 1.97 -10.44 30.85
N SER E 83 1.10 -10.07 31.78
CA SER E 83 0.07 -10.96 32.26
C SER E 83 -1.12 -10.12 32.67
N GLY E 84 -2.26 -10.78 32.91
CA GLY E 84 -3.52 -10.10 33.29
C GLY E 84 -4.37 -10.93 34.25
N SER E 85 -5.20 -10.24 35.01
CA SER E 85 -6.21 -10.90 35.81
C SER E 85 -7.42 -10.04 36.04
N GLY E 86 -8.46 -10.71 36.55
CA GLY E 86 -9.65 -10.06 37.01
C GLY E 86 -10.91 -10.67 36.48
N SER E 87 -12.01 -10.17 37.02
CA SER E 87 -13.35 -10.67 36.73
C SER E 87 -14.29 -9.62 37.27
N GLY E 88 -15.49 -9.60 36.76
CA GLY E 88 -16.50 -8.73 37.30
C GLY E 88 -16.34 -7.34 36.82
N THR E 89 -16.11 -6.43 37.76
CA THR E 89 -15.95 -5.00 37.50
C THR E 89 -14.50 -4.52 37.47
N ASP E 90 -13.53 -5.40 37.76
CA ASP E 90 -12.13 -4.99 38.03
C ASP E 90 -11.09 -5.91 37.40
N PHE E 91 -10.26 -5.32 36.54
CA PHE E 91 -9.25 -6.07 35.86
C PHE E 91 -7.92 -5.34 35.92
N THR E 92 -6.87 -6.11 35.75
CA THR E 92 -5.51 -5.62 36.00
C THR E 92 -4.63 -6.13 34.87
N LEU E 93 -3.86 -5.22 34.26
CA LEU E 93 -2.76 -5.62 33.39
C LEU E 93 -1.43 -5.43 34.13
N THR E 94 -0.60 -6.46 34.09
CA THR E 94 0.59 -6.49 34.86
C THR E 94 1.76 -6.67 33.97
N ILE E 95 2.72 -5.75 34.11
CA ILE E 95 4.00 -5.90 33.46
C ILE E 95 5.06 -6.14 34.54
N SER E 96 5.57 -7.36 34.58
CA SER E 96 6.47 -7.82 35.66
C SER E 96 7.60 -6.79 35.94
N SER E 97 8.32 -6.44 34.88
CA SER E 97 9.41 -5.45 34.91
C SER E 97 9.46 -4.66 33.60
N LEU E 98 9.38 -3.36 33.69
CA LEU E 98 9.40 -2.52 32.49
C LEU E 98 10.74 -2.46 31.71
N GLU E 99 10.64 -2.78 30.43
CA GLU E 99 11.70 -2.52 29.47
C GLU E 99 11.36 -1.28 28.67
N PRO E 100 12.35 -0.69 27.95
CA PRO E 100 12.10 0.61 27.36
C PRO E 100 10.93 0.57 26.40
N GLU E 101 10.86 -0.49 25.62
CA GLU E 101 9.77 -0.66 24.67
C GLU E 101 8.38 -0.76 25.31
N ASP E 102 8.30 -0.97 26.62
CA ASP E 102 7.04 -1.03 27.38
C ASP E 102 6.37 0.33 27.72
N PHE E 103 7.11 1.43 27.56
CA PHE E 103 6.65 2.75 27.88
C PHE E 103 5.83 3.17 26.66
N ALA E 104 4.52 3.10 26.78
CA ALA E 104 3.60 3.15 25.62
C ALA E 104 2.24 3.43 26.19
N VAL E 105 1.22 3.39 25.35
CA VAL E 105 -0.13 3.53 25.82
C VAL E 105 -0.84 2.13 25.77
N TYR E 106 -1.62 1.80 26.80
CA TYR E 106 -2.34 0.57 26.92
C TYR E 106 -3.84 0.84 27.06
N TYR E 107 -4.67 0.11 26.32
CA TYR E 107 -6.13 0.29 26.37
C TYR E 107 -6.76 -1.05 26.68
N CYS E 108 -7.80 -1.03 27.50
CA CYS E 108 -8.67 -2.17 27.67
C CYS E 108 -9.92 -2.00 26.86
N GLN E 109 -10.60 -3.12 26.61
CA GLN E 109 -11.84 -3.08 25.87
C GLN E 109 -12.66 -4.30 26.04
N GLN E 110 -13.95 -4.10 25.88
CA GLN E 110 -14.92 -5.17 26.07
C GLN E 110 -16.04 -4.95 25.05
N ARG E 111 -16.91 -5.94 24.94
CA ARG E 111 -18.05 -5.84 24.07
C ARG E 111 -19.25 -6.43 24.78
N SER E 112 -20.33 -5.68 24.78
CA SER E 112 -21.60 -6.22 25.22
C SER E 112 -22.54 -6.16 24.06
N ASN E 113 -22.88 -7.34 23.56
CA ASN E 113 -23.77 -7.47 22.42
C ASN E 113 -23.11 -6.91 21.14
N TRP E 114 -23.70 -5.89 20.52
CA TRP E 114 -23.15 -5.27 19.34
C TRP E 114 -22.46 -3.92 19.68
N LEU E 115 -22.17 -3.67 20.97
CA LEU E 115 -21.49 -2.46 21.46
C LEU E 115 -20.10 -2.78 21.99
N TRP E 116 -19.07 -2.29 21.29
CA TRP E 116 -17.65 -2.40 21.68
C TRP E 116 -17.23 -1.10 22.32
N THR E 117 -16.62 -1.17 23.53
CA THR E 117 -16.03 0.07 24.15
C THR E 117 -14.55 -0.12 24.45
N PHE E 118 -13.84 0.99 24.41
CA PHE E 118 -12.45 1.07 24.81
C PHE E 118 -12.38 2.03 26.00
N GLY E 119 -11.61 1.63 26.99
CA GLY E 119 -11.12 2.58 27.96
C GLY E 119 -10.41 3.68 27.28
N GLN E 120 -10.26 4.75 28.00
CA GLN E 120 -9.55 5.94 27.59
C GLN E 120 -8.02 5.78 27.46
N GLY E 121 -7.45 4.66 27.88
CA GLY E 121 -6.03 4.46 27.77
C GLY E 121 -5.19 5.07 28.86
N THR E 122 -4.18 4.30 29.30
CA THR E 122 -3.15 4.75 30.25
C THR E 122 -1.78 4.77 29.55
N LYS E 123 -1.09 5.90 29.60
CA LYS E 123 0.29 5.97 29.12
C LYS E 123 1.26 5.69 30.28
N VAL E 124 2.09 4.68 30.11
CA VAL E 124 3.15 4.40 31.05
C VAL E 124 4.40 5.20 30.67
N GLU E 125 4.78 6.10 31.55
CA GLU E 125 5.81 7.09 31.26
C GLU E 125 7.00 6.82 32.15
N ILE E 126 8.21 7.19 31.72
CA ILE E 126 9.44 6.90 32.49
C ILE E 126 9.66 7.89 33.63
N LYS E 127 9.65 7.40 34.84
CA LYS E 127 9.85 8.25 35.97
C LYS E 127 11.36 8.39 36.14
N ARG E 128 11.78 9.59 36.49
CA ARG E 128 13.19 9.90 36.80
C ARG E 128 13.22 11.14 37.71
N SER E 129 14.43 11.55 38.12
CA SER E 129 14.55 12.70 39.00
C SER E 129 14.07 14.01 38.33
N VAL E 130 13.65 14.93 39.15
CA VAL E 130 13.28 16.27 38.73
C VAL E 130 14.46 16.98 38.09
N ALA E 131 14.19 17.72 37.03
CA ALA E 131 15.18 18.45 36.31
C ALA E 131 14.49 19.67 35.77
N ALA E 132 14.92 20.87 36.19
CA ALA E 132 14.34 22.10 35.70
C ALA E 132 14.74 22.31 34.24
N PRO E 133 13.94 23.04 33.48
CA PRO E 133 14.39 23.32 32.13
C PRO E 133 15.50 24.38 32.06
N SER E 134 16.36 24.29 31.05
CA SER E 134 17.12 25.38 30.58
C SER E 134 16.24 26.12 29.58
N VAL E 135 16.14 27.45 29.74
CA VAL E 135 15.24 28.32 28.99
C VAL E 135 16.04 29.22 28.05
N PHE E 136 15.66 29.22 26.79
CA PHE E 136 16.43 29.86 25.75
C PHE E 136 15.43 30.55 24.85
N ILE E 137 15.80 31.69 24.29
CA ILE E 137 14.86 32.50 23.50
C ILE E 137 15.56 32.91 22.22
N PHE E 138 14.82 32.89 21.11
CA PHE E 138 15.35 33.17 19.74
C PHE E 138 14.51 34.25 19.11
N PRO E 139 15.12 35.40 18.79
CA PRO E 139 14.32 36.47 18.17
C PRO E 139 14.02 36.12 16.70
N PRO E 140 13.10 36.86 16.07
CA PRO E 140 12.83 36.69 14.64
C PRO E 140 14.11 36.77 13.80
N SER E 141 14.24 35.92 12.78
CA SER E 141 15.30 36.05 11.78
C SER E 141 15.07 37.27 10.89
N ASP E 142 16.14 37.77 10.25
CA ASP E 142 16.02 38.88 9.28
C ASP E 142 15.23 38.41 8.07
N GLU E 143 15.65 37.29 7.52
CA GLU E 143 14.95 36.67 6.43
C GLU E 143 13.45 36.68 6.70
N GLN E 144 13.03 36.25 7.90
CA GLN E 144 11.58 36.17 8.18
C GLN E 144 10.97 37.57 8.28
N LEU E 145 11.69 38.49 8.90
CA LEU E 145 11.19 39.86 9.05
C LEU E 145 10.99 40.55 7.68
N LYS E 146 11.78 40.17 6.68
CA LYS E 146 11.63 40.70 5.32
C LYS E 146 10.26 40.33 4.82
N SER E 147 9.89 39.07 4.99
CA SER E 147 8.62 38.54 4.48
C SER E 147 7.41 39.04 5.22
N GLY E 148 7.56 39.98 6.17
CA GLY E 148 6.41 40.58 6.86
C GLY E 148 5.88 40.02 8.17
N THR E 149 6.40 38.90 8.65
CA THR E 149 5.90 38.33 9.92
C THR E 149 7.05 38.18 10.89
N ALA E 150 6.73 38.11 12.18
CA ALA E 150 7.74 37.92 13.22
C ALA E 150 7.34 36.77 14.16
N SER E 151 8.22 35.79 14.25
CA SER E 151 8.02 34.63 15.12
C SER E 151 9.14 34.58 16.12
N VAL E 152 8.79 34.59 17.39
CA VAL E 152 9.72 34.45 18.51
C VAL E 152 9.59 33.05 19.14
N VAL E 153 10.70 32.36 19.27
CA VAL E 153 10.68 30.99 19.79
C VAL E 153 11.32 30.92 21.18
N CYS E 154 10.64 30.26 22.09
CA CYS E 154 11.16 29.97 23.43
C CYS E 154 11.34 28.48 23.58
N LEU E 155 12.56 28.07 23.90
CA LEU E 155 12.91 26.69 24.08
C LEU E 155 13.15 26.40 25.57
N LEU E 156 12.48 25.36 26.06
CA LEU E 156 12.68 24.81 27.39
C LEU E 156 13.20 23.41 27.18
N ASN E 157 14.46 23.20 27.54
CA ASN E 157 15.17 22.05 27.16
C ASN E 157 15.42 21.12 28.34
N ASN E 158 15.16 19.82 28.12
CA ASN E 158 15.61 18.78 29.03
C ASN E 158 15.06 18.82 30.45
N PHE E 159 13.75 18.79 30.59
CA PHE E 159 13.14 18.89 31.91
C PHE E 159 12.29 17.70 32.23
N TYR E 160 11.93 17.57 33.51
CA TYR E 160 11.13 16.46 33.99
C TYR E 160 10.66 16.91 35.35
N PRO E 161 9.34 16.72 35.65
CA PRO E 161 8.35 16.07 34.74
C PRO E 161 7.77 16.98 33.65
N ARG E 162 6.72 16.50 32.99
CA ARG E 162 6.21 17.11 31.73
C ARG E 162 5.52 18.42 31.84
N GLU E 163 4.82 18.61 32.93
CA GLU E 163 4.01 19.83 33.14
C GLU E 163 4.95 20.99 33.32
N ALA E 164 4.86 21.93 32.41
CA ALA E 164 5.62 23.17 32.41
C ALA E 164 4.64 24.21 31.90
N LYS E 165 4.90 25.47 32.20
CA LYS E 165 4.04 26.54 31.78
C LYS E 165 4.88 27.72 31.28
N VAL E 166 4.53 28.16 30.08
CA VAL E 166 5.17 29.27 29.43
C VAL E 166 4.19 30.39 29.38
N GLN E 167 4.65 31.59 29.65
CA GLN E 167 3.84 32.78 29.49
C GLN E 167 4.65 33.68 28.63
N TRP E 168 3.98 34.34 27.70
CA TRP E 168 4.61 35.36 26.88
C TRP E 168 4.26 36.75 27.38
N LYS E 169 5.28 37.59 27.39
CA LYS E 169 5.11 38.97 27.84
C LYS E 169 5.84 39.84 26.85
N VAL E 170 5.14 40.86 26.37
CA VAL E 170 5.68 41.85 25.45
C VAL E 170 5.54 43.22 26.17
N ASP E 171 6.67 43.89 26.43
CA ASP E 171 6.69 45.10 27.27
C ASP E 171 5.85 44.88 28.51
N ASN E 172 6.06 43.72 29.13
CA ASN E 172 5.32 43.28 30.31
C ASN E 172 3.84 43.00 30.13
N ALA E 173 3.29 43.22 28.94
CA ALA E 173 1.90 42.82 28.71
C ALA E 173 1.91 41.31 28.45
N LEU E 174 1.21 40.57 29.31
CA LEU E 174 0.91 39.18 29.08
C LEU E 174 0.20 39.02 27.74
N GLN E 175 0.62 38.02 26.97
CA GLN E 175 0.00 37.75 25.68
C GLN E 175 -0.97 36.58 25.79
N SER E 176 -2.04 36.63 25.01
CA SER E 176 -3.02 35.52 24.88
C SER E 176 -3.45 35.40 23.43
N GLY E 177 -3.46 34.16 22.92
CA GLY E 177 -4.06 33.89 21.61
C GLY E 177 -3.09 33.89 20.47
N ASN E 178 -1.85 34.27 20.72
CA ASN E 178 -0.85 34.43 19.67
C ASN E 178 0.39 33.57 19.88
N SER E 179 0.27 32.49 20.66
CA SER E 179 1.35 31.53 20.86
C SER E 179 0.84 30.09 20.71
N GLN E 180 1.72 29.20 20.30
CA GLN E 180 1.39 27.75 20.33
C GLN E 180 2.63 27.01 20.74
N GLU E 181 2.45 25.82 21.27
CA GLU E 181 3.58 24.99 21.72
C GLU E 181 3.42 23.52 21.49
N SER E 182 4.54 22.83 21.55
CA SER E 182 4.52 21.38 21.51
C SER E 182 5.74 20.90 22.23
N VAL E 183 5.65 19.61 22.62
CA VAL E 183 6.54 18.94 23.49
C VAL E 183 6.98 17.66 22.85
N THR E 184 8.28 17.35 22.95
CA THR E 184 8.79 16.11 22.40
C THR E 184 8.39 14.93 23.28
N GLU E 185 8.65 13.73 22.78
CA GLU E 185 8.47 12.47 23.56
C GLU E 185 9.69 12.30 24.47
N GLN E 186 9.59 11.50 25.53
CA GLN E 186 10.73 11.51 26.44
C GLN E 186 11.97 11.11 25.71
N ASP E 187 13.07 11.79 25.98
CA ASP E 187 14.33 11.58 25.25
C ASP E 187 14.87 10.15 25.51
N SER E 188 15.50 9.53 24.54
CA SER E 188 15.87 8.11 24.71
C SER E 188 17.13 7.93 25.59
N LYS E 189 17.90 8.97 25.80
CA LYS E 189 19.05 8.90 26.69
C LYS E 189 18.73 9.28 28.13
N ASP E 190 18.08 10.40 28.33
CA ASP E 190 17.95 10.96 29.70
C ASP E 190 16.51 11.10 30.15
N SER E 191 15.60 10.60 29.35
CA SER E 191 14.16 10.57 29.67
C SER E 191 13.50 11.91 29.93
N THR E 192 14.13 13.00 29.49
CA THR E 192 13.59 14.35 29.73
C THR E 192 12.64 14.68 28.61
N TYR E 193 11.82 15.71 28.82
CA TYR E 193 11.03 16.38 27.78
C TYR E 193 11.66 17.73 27.36
N SER E 194 11.33 18.23 26.17
CA SER E 194 11.68 19.60 25.79
C SER E 194 10.40 20.21 25.18
N LEU E 195 10.34 21.53 25.18
CA LEU E 195 9.12 22.23 24.80
C LEU E 195 9.55 23.41 23.95
N SER E 196 8.76 23.68 22.92
CA SER E 196 8.99 24.83 22.04
C SER E 196 7.73 25.65 22.05
N SER E 197 7.87 26.96 22.21
CA SER E 197 6.73 27.87 22.10
C SER E 197 7.10 28.92 21.11
N THR E 198 6.15 29.27 20.26
CA THR E 198 6.35 30.26 19.22
C THR E 198 5.31 31.31 19.45
N LEU E 199 5.76 32.55 19.57
CA LEU E 199 4.82 33.68 19.72
C LEU E 199 4.80 34.30 18.35
N THR E 200 3.63 34.48 17.75
CA THR E 200 3.64 34.94 16.35
C THR E 200 3.04 36.31 16.26
N LEU E 201 3.77 37.22 15.63
CA LEU E 201 3.30 38.61 15.40
C LEU E 201 3.56 39.09 13.96
N SER E 202 2.72 40.00 13.51
CA SER E 202 2.99 40.72 12.28
C SER E 202 4.26 41.53 12.48
N LYS E 203 4.99 41.79 11.40
CA LYS E 203 6.13 42.65 11.43
C LYS E 203 5.77 43.99 12.07
N ALA E 204 4.63 44.53 11.66
CA ALA E 204 4.18 45.83 12.14
C ALA E 204 3.99 45.84 13.66
N ASP E 205 3.36 44.81 14.20
CA ASP E 205 3.20 44.70 15.65
C ASP E 205 4.56 44.51 16.33
N TYR E 206 5.42 43.73 15.72
CA TYR E 206 6.75 43.49 16.28
C TYR E 206 7.56 44.81 16.38
N GLU E 207 7.46 45.69 15.38
CA GLU E 207 8.13 47.00 15.41
C GLU E 207 7.56 48.02 16.43
N LYS E 208 6.37 47.77 16.96
CA LYS E 208 5.72 48.60 18.00
C LYS E 208 6.21 48.38 19.45
N HIS E 209 7.04 47.37 19.69
CA HIS E 209 7.39 47.01 21.07
C HIS E 209 8.85 46.68 21.14
N LYS E 210 9.40 46.79 22.34
CA LYS E 210 10.82 46.52 22.50
C LYS E 210 11.12 45.19 23.20
N VAL E 211 10.46 44.96 24.33
CA VAL E 211 10.80 43.86 25.23
C VAL E 211 9.91 42.60 25.05
N TYR E 212 10.54 41.50 24.69
CA TYR E 212 9.87 40.23 24.41
C TYR E 212 10.39 39.24 25.43
N ALA E 213 9.50 38.68 26.25
CA ALA E 213 9.89 37.82 27.35
C ALA E 213 9.14 36.50 27.32
N CYS E 214 9.88 35.44 27.60
CA CYS E 214 9.34 34.11 27.86
C CYS E 214 9.48 33.86 29.37
N GLU E 215 8.37 33.67 30.07
CA GLU E 215 8.39 33.36 31.50
C GLU E 215 8.00 31.93 31.78
N VAL E 216 8.89 31.20 32.41
CA VAL E 216 8.71 29.73 32.59
C VAL E 216 8.56 29.36 34.08
N THR E 217 7.58 28.49 34.33
CA THR E 217 7.21 27.88 35.62
C THR E 217 7.24 26.34 35.49
N HIS E 218 7.64 25.66 36.55
CA HIS E 218 7.89 24.21 36.49
C HIS E 218 8.23 23.71 37.89
N GLN E 219 7.97 22.45 38.17
CA GLN E 219 8.13 21.89 39.49
C GLN E 219 9.55 22.03 40.01
N GLY E 220 10.52 21.96 39.12
CA GLY E 220 11.90 22.15 39.47
C GLY E 220 12.41 23.57 39.67
N LEU E 221 11.54 24.56 39.48
CA LEU E 221 11.86 25.97 39.70
C LEU E 221 11.07 26.52 40.91
N SER E 222 11.78 27.04 41.93
CA SER E 222 11.14 27.65 43.13
C SER E 222 10.55 29.05 42.87
N SER E 223 11.05 29.70 41.84
CA SER E 223 10.46 30.92 41.33
C SER E 223 10.68 30.96 39.81
N PRO E 224 9.90 31.80 39.10
CA PRO E 224 9.92 31.74 37.61
C PRO E 224 11.23 32.08 36.95
N VAL E 225 11.51 31.43 35.83
CA VAL E 225 12.62 31.86 35.00
C VAL E 225 12.07 32.73 33.83
N THR E 226 12.66 33.90 33.61
CA THR E 226 12.27 34.78 32.48
C THR E 226 13.46 34.92 31.57
N LYS E 227 13.29 34.59 30.28
CA LYS E 227 14.34 34.90 29.27
C LYS E 227 13.74 35.95 28.32
N SER E 228 14.55 36.92 27.96
CA SER E 228 14.04 38.10 27.27
C SER E 228 15.09 38.69 26.39
N PHE E 229 14.65 39.42 25.39
CA PHE E 229 15.59 40.18 24.57
C PHE E 229 14.87 41.49 24.20
N ASN E 230 15.66 42.43 23.71
CA ASN E 230 15.14 43.72 23.25
C ASN E 230 15.21 43.72 21.75
N ARG E 231 14.13 44.18 21.12
CA ARG E 231 14.03 44.17 19.66
C ARG E 231 15.36 44.43 18.93
N GLY E 232 15.92 45.60 19.06
CA GLY E 232 17.12 45.92 18.26
C GLY E 232 18.47 45.33 18.68
N GLU E 233 18.52 44.59 19.79
CA GLU E 233 19.80 44.07 20.28
C GLU E 233 20.49 43.23 19.20
N CYS E 234 21.79 43.41 19.03
CA CYS E 234 22.51 42.98 17.81
C CYS E 234 22.08 43.80 16.60
N VAL F 27 -19.99 -36.13 5.02
CA VAL F 27 -20.18 -35.81 3.57
C VAL F 27 -21.55 -35.20 3.29
N ARG F 28 -22.56 -35.68 4.00
CA ARG F 28 -23.93 -35.25 3.81
C ARG F 28 -24.20 -33.99 4.61
N SER F 29 -24.99 -33.08 4.03
CA SER F 29 -25.38 -31.83 4.68
C SER F 29 -26.85 -31.51 4.39
N LEU F 30 -27.54 -31.02 5.42
CA LEU F 30 -28.93 -30.58 5.33
C LEU F 30 -29.00 -29.25 6.03
N ASN F 31 -30.10 -28.55 5.86
CA ASN F 31 -30.31 -27.26 6.52
C ASN F 31 -31.39 -27.36 7.58
N CYS F 32 -31.26 -26.60 8.66
CA CYS F 32 -32.21 -26.69 9.77
C CYS F 32 -32.16 -25.49 10.73
N THR F 33 -33.18 -25.40 11.58
CA THR F 33 -33.16 -24.47 12.69
C THR F 33 -33.36 -25.33 13.88
N LEU F 34 -33.47 -24.70 15.05
CA LEU F 34 -33.61 -25.39 16.32
C LEU F 34 -34.47 -24.60 17.28
N ARG F 35 -35.21 -25.34 18.10
CA ARG F 35 -35.99 -24.71 19.14
C ARG F 35 -35.73 -25.35 20.47
N ASP F 36 -35.89 -24.56 21.52
CA ASP F 36 -35.93 -25.03 22.89
C ASP F 36 -36.97 -26.14 23.06
N SER F 37 -36.78 -27.03 24.06
CA SER F 37 -37.92 -27.82 24.60
C SER F 37 -39.08 -26.87 24.91
N GLN F 38 -38.73 -25.67 25.35
CA GLN F 38 -39.67 -24.61 25.65
C GLN F 38 -39.90 -23.58 24.50
N GLN F 39 -39.74 -23.99 23.25
CA GLN F 39 -40.05 -23.16 22.04
C GLN F 39 -39.27 -21.82 21.74
N LYS F 40 -38.19 -21.53 22.45
CA LYS F 40 -37.32 -20.43 22.01
C LYS F 40 -36.59 -20.74 20.68
N SER F 41 -36.27 -19.67 19.99
CA SER F 41 -35.47 -19.71 18.80
C SER F 41 -34.02 -19.39 19.15
N LEU F 42 -33.13 -19.68 18.21
CA LEU F 42 -31.72 -19.34 18.39
C LEU F 42 -31.36 -18.18 17.48
N VAL F 43 -30.54 -17.27 18.00
CA VAL F 43 -30.27 -15.98 17.38
C VAL F 43 -28.86 -15.49 17.69
N MET F 44 -28.31 -14.74 16.76
CA MET F 44 -26.99 -14.15 16.89
C MET F 44 -27.04 -12.80 17.59
N SER F 45 -26.59 -12.76 18.85
CA SER F 45 -26.70 -11.57 19.65
C SER F 45 -25.42 -10.73 19.56
N GLY F 46 -24.35 -11.36 19.05
CA GLY F 46 -23.07 -10.71 18.90
C GLY F 46 -22.31 -11.43 17.80
N PRO F 47 -21.07 -10.99 17.50
CA PRO F 47 -20.36 -11.59 16.37
C PRO F 47 -20.11 -13.07 16.49
N TYR F 48 -19.99 -13.53 17.72
CA TYR F 48 -19.73 -14.92 17.97
C TYR F 48 -20.69 -15.44 19.07
N GLU F 49 -21.72 -14.65 19.42
CA GLU F 49 -22.52 -14.91 20.62
C GLU F 49 -23.98 -15.21 20.25
N LEU F 50 -24.41 -16.41 20.66
CA LEU F 50 -25.74 -16.91 20.36
C LEU F 50 -26.59 -16.73 21.59
N LYS F 51 -27.84 -16.31 21.41
CA LYS F 51 -28.80 -16.12 22.52
C LYS F 51 -30.15 -16.73 22.18
N ALA F 52 -30.74 -17.43 23.13
CA ALA F 52 -32.03 -18.06 22.89
C ALA F 52 -33.18 -17.20 23.41
N LEU F 53 -34.19 -16.98 22.56
CA LEU F 53 -35.43 -16.35 22.98
C LEU F 53 -36.64 -16.73 22.10
N HIS F 54 -37.81 -16.61 22.68
CA HIS F 54 -39.05 -16.88 21.94
C HIS F 54 -39.20 -15.97 20.71
N LEU F 55 -39.65 -14.73 20.90
CA LEU F 55 -39.60 -13.73 19.82
C LEU F 55 -39.50 -12.31 20.41
N MET F 60 -39.55 -12.00 15.21
CA MET F 60 -39.31 -11.60 13.82
C MET F 60 -38.75 -12.71 12.94
N GLU F 61 -38.12 -13.73 13.54
CA GLU F 61 -37.55 -14.90 12.82
C GLU F 61 -36.79 -14.70 11.46
N GLN F 62 -35.54 -14.20 11.35
CA GLN F 62 -34.63 -13.71 12.42
C GLN F 62 -33.70 -14.81 13.01
N GLN F 63 -34.07 -16.08 12.86
CA GLN F 63 -33.34 -17.15 13.55
C GLN F 63 -32.23 -17.71 12.70
N VAL F 64 -31.21 -18.20 13.38
CA VAL F 64 -30.00 -18.66 12.72
C VAL F 64 -30.35 -19.94 11.98
N VAL F 65 -29.88 -20.09 10.78
CA VAL F 65 -30.18 -21.33 10.04
C VAL F 65 -28.94 -22.19 10.05
N PHE F 66 -29.09 -23.42 10.51
CA PHE F 66 -27.94 -24.24 10.85
C PHE F 66 -27.68 -25.25 9.76
N SER F 67 -26.41 -25.65 9.64
CA SER F 67 -25.98 -26.53 8.56
C SER F 67 -25.30 -27.72 9.20
N MET F 68 -26.00 -28.85 9.19
CA MET F 68 -25.63 -30.01 9.98
C MET F 68 -25.03 -31.02 9.06
N SER F 69 -23.81 -31.45 9.37
CA SER F 69 -23.15 -32.55 8.66
C SER F 69 -22.97 -33.79 9.53
N PHE F 70 -23.27 -34.96 9.00
CA PHE F 70 -23.10 -36.19 9.78
C PHE F 70 -21.73 -36.76 9.44
N VAL F 71 -20.93 -37.06 10.46
CA VAL F 71 -19.54 -37.44 10.25
C VAL F 71 -19.17 -38.67 11.05
N GLN F 72 -17.92 -39.10 10.89
CA GLN F 72 -17.42 -40.33 11.48
C GLN F 72 -17.14 -40.23 12.97
N GLY F 73 -17.45 -41.30 13.70
CA GLY F 73 -17.29 -41.32 15.14
C GLY F 73 -18.00 -42.50 15.77
N SER F 76 -34.81 -46.16 23.10
CA SER F 76 -34.53 -45.70 21.75
C SER F 76 -33.12 -45.14 21.57
N ASN F 77 -32.80 -44.73 20.35
CA ASN F 77 -31.54 -44.01 20.03
C ASN F 77 -30.31 -44.96 20.03
N ASP F 78 -29.10 -44.52 19.60
CA ASP F 78 -28.81 -43.18 19.07
C ASP F 78 -28.34 -43.19 17.61
N LYS F 79 -29.28 -42.83 16.77
CA LYS F 79 -29.10 -42.47 15.35
C LYS F 79 -28.20 -41.23 15.00
N ILE F 80 -28.70 -39.98 15.12
CA ILE F 80 -28.02 -38.76 14.55
C ILE F 80 -27.10 -37.91 15.47
N PRO F 81 -25.79 -38.21 15.51
CA PRO F 81 -24.93 -37.52 16.46
C PRO F 81 -24.28 -36.22 16.04
N VAL F 82 -24.09 -36.01 14.75
CA VAL F 82 -22.87 -35.32 14.35
C VAL F 82 -22.97 -34.02 13.53
N ALA F 83 -22.08 -33.06 13.87
CA ALA F 83 -21.75 -31.83 13.11
C ALA F 83 -22.78 -30.69 13.09
N LEU F 84 -22.29 -29.45 13.00
CA LEU F 84 -23.18 -28.28 13.17
C LEU F 84 -22.55 -26.91 12.84
N GLY F 85 -22.46 -26.58 11.56
CA GLY F 85 -22.05 -25.25 11.17
C GLY F 85 -23.23 -24.33 10.94
N LEU F 86 -22.94 -23.17 10.32
CA LEU F 86 -23.98 -22.22 9.93
C LEU F 86 -24.09 -22.09 8.45
N LYS F 87 -25.32 -21.84 7.99
CA LYS F 87 -25.68 -22.00 6.57
C LYS F 87 -24.92 -21.06 5.66
N GLU F 88 -24.95 -19.75 5.94
CA GLU F 88 -24.20 -18.79 5.13
C GLU F 88 -23.24 -17.88 5.90
N LYS F 89 -22.83 -18.29 7.10
CA LYS F 89 -21.58 -17.79 7.67
C LYS F 89 -20.68 -18.93 8.01
N ASN F 90 -19.39 -18.77 7.75
CA ASN F 90 -18.40 -19.80 8.03
C ASN F 90 -18.03 -19.92 9.53
N LEU F 91 -19.07 -20.10 10.35
CA LEU F 91 -18.98 -20.18 11.80
C LEU F 91 -19.59 -21.49 12.32
N TYR F 92 -18.76 -22.46 12.73
CA TYR F 92 -19.22 -23.77 13.29
C TYR F 92 -19.23 -23.76 14.82
N LEU F 93 -20.26 -24.34 15.43
CA LEU F 93 -20.28 -24.49 16.87
C LEU F 93 -19.16 -25.37 17.33
N SER F 94 -18.71 -25.13 18.54
CA SER F 94 -17.59 -25.87 19.06
C SER F 94 -17.61 -25.79 20.57
N CYS F 95 -16.82 -26.66 21.18
CA CYS F 95 -16.79 -26.89 22.61
C CYS F 95 -15.32 -26.96 22.95
N VAL F 96 -14.83 -26.00 23.70
CA VAL F 96 -13.41 -25.93 24.08
C VAL F 96 -13.27 -25.69 25.57
N LEU F 97 -12.09 -26.01 26.09
CA LEU F 97 -11.79 -25.74 27.48
C LEU F 97 -11.64 -24.26 27.61
N LYS F 98 -12.24 -23.71 28.65
CA LYS F 98 -12.11 -22.31 28.96
C LYS F 98 -12.37 -22.13 30.45
N ASP F 99 -11.35 -22.28 31.28
CA ASP F 99 -10.10 -22.91 30.89
C ASP F 99 -9.85 -24.13 31.75
N ASP F 100 -10.86 -24.51 32.53
CA ASP F 100 -11.05 -25.89 32.93
C ASP F 100 -12.54 -26.25 32.90
N LYS F 101 -13.34 -25.43 32.22
CA LYS F 101 -14.77 -25.69 32.08
C LYS F 101 -15.11 -25.79 30.60
N PRO F 102 -15.72 -26.91 30.18
CA PRO F 102 -16.19 -27.00 28.80
C PRO F 102 -17.00 -25.77 28.38
N THR F 103 -16.77 -25.26 27.18
CA THR F 103 -17.37 -23.96 26.82
C THR F 103 -17.85 -23.91 25.36
N LEU F 104 -19.06 -23.38 25.16
CA LEU F 104 -19.61 -23.32 23.80
C LEU F 104 -19.11 -22.08 23.05
N GLN F 105 -18.75 -22.23 21.80
CA GLN F 105 -18.30 -21.09 21.02
C GLN F 105 -18.63 -21.21 19.56
N LEU F 106 -19.06 -20.09 18.97
CA LEU F 106 -18.98 -19.95 17.52
C LEU F 106 -17.49 -19.92 17.12
N GLU F 107 -17.11 -20.73 16.13
CA GLU F 107 -15.71 -20.88 15.70
C GLU F 107 -15.57 -20.76 14.19
N SER F 108 -14.67 -19.88 13.74
CA SER F 108 -14.55 -19.50 12.34
C SER F 108 -13.93 -20.65 11.55
N VAL F 109 -14.45 -20.89 10.34
CA VAL F 109 -13.96 -22.00 9.52
C VAL F 109 -13.79 -21.56 8.07
N ASP F 110 -12.89 -22.22 7.37
CA ASP F 110 -12.64 -21.94 5.97
C ASP F 110 -13.71 -22.68 5.15
N PRO F 111 -14.40 -21.99 4.23
CA PRO F 111 -15.44 -22.69 3.45
C PRO F 111 -14.91 -23.74 2.48
N LYS F 112 -13.65 -23.62 2.07
CA LYS F 112 -13.02 -24.61 1.20
C LYS F 112 -13.04 -26.00 1.85
N ASN F 113 -12.55 -26.07 3.08
CA ASN F 113 -12.34 -27.34 3.77
C ASN F 113 -13.46 -27.73 4.72
N TYR F 114 -14.56 -26.98 4.73
CA TYR F 114 -15.68 -27.26 5.61
C TYR F 114 -16.97 -27.02 4.86
N PRO F 115 -17.94 -27.96 4.95
CA PRO F 115 -18.02 -29.12 5.83
C PRO F 115 -17.03 -30.24 5.53
N LYS F 116 -16.84 -31.10 6.52
CA LYS F 116 -15.80 -32.12 6.49
C LYS F 116 -16.40 -33.44 6.92
N LYS F 117 -15.75 -34.53 6.53
CA LYS F 117 -16.15 -35.88 6.92
C LYS F 117 -15.39 -36.27 8.19
N LYS F 118 -14.16 -35.79 8.30
CA LYS F 118 -13.25 -36.20 9.35
C LYS F 118 -13.00 -34.97 10.22
N MET F 119 -14.08 -34.44 10.79
CA MET F 119 -14.00 -33.30 11.66
C MET F 119 -13.35 -33.77 12.95
N GLU F 120 -13.18 -32.85 13.87
CA GLU F 120 -13.00 -33.21 15.26
C GLU F 120 -13.89 -32.27 16.01
N LYS F 121 -14.32 -32.66 17.20
CA LYS F 121 -15.21 -31.80 17.97
C LYS F 121 -14.58 -31.34 19.25
N ARG F 122 -14.85 -30.12 19.70
CA ARG F 122 -15.33 -29.02 18.89
C ARG F 122 -16.77 -29.11 18.36
N PHE F 123 -16.92 -29.40 17.07
CA PHE F 123 -18.14 -29.12 16.36
C PHE F 123 -19.06 -30.32 16.50
N VAL F 124 -18.55 -31.47 16.10
CA VAL F 124 -19.35 -32.71 16.10
C VAL F 124 -19.76 -33.22 17.48
N PHE F 125 -20.73 -32.53 18.07
CA PHE F 125 -21.55 -33.06 19.16
C PHE F 125 -22.03 -34.52 18.91
N ASN F 126 -22.57 -35.16 19.97
CA ASN F 126 -23.13 -36.55 19.93
C ASN F 126 -24.60 -36.66 19.62
N LYS F 127 -25.34 -35.56 19.72
CA LYS F 127 -26.64 -35.39 19.05
C LYS F 127 -27.75 -35.26 19.99
N ILE F 128 -28.92 -35.66 19.49
CA ILE F 128 -30.06 -35.96 20.29
C ILE F 128 -31.12 -36.86 19.70
N GLU F 129 -31.51 -37.86 20.50
CA GLU F 129 -32.83 -38.50 20.37
C GLU F 129 -33.25 -39.10 21.69
N ILE F 130 -34.38 -38.63 22.20
CA ILE F 130 -34.83 -38.97 23.54
C ILE F 130 -36.09 -38.16 23.78
N ASN F 131 -37.04 -38.74 24.50
CA ASN F 131 -38.26 -38.01 24.88
C ASN F 131 -38.96 -37.35 23.68
N ASN F 132 -38.82 -37.95 22.48
CA ASN F 132 -39.24 -37.40 21.19
C ASN F 132 -38.64 -36.03 20.85
N LYS F 133 -37.43 -35.82 21.33
CA LYS F 133 -36.80 -34.52 21.32
C LYS F 133 -35.36 -34.80 21.03
N LEU F 134 -34.59 -33.71 20.81
CA LEU F 134 -33.20 -33.66 20.29
C LEU F 134 -32.14 -32.78 21.20
N GLU F 135 -31.21 -33.43 21.97
CA GLU F 135 -30.24 -32.86 22.90
C GLU F 135 -28.83 -32.99 22.30
N PHE F 136 -27.99 -32.01 22.49
CA PHE F 136 -26.74 -32.07 21.78
C PHE F 136 -25.66 -32.10 22.84
N GLU F 137 -24.75 -33.08 22.73
CA GLU F 137 -23.79 -33.36 23.76
C GLU F 137 -22.39 -33.23 23.22
N SER F 138 -21.63 -32.35 23.83
CA SER F 138 -20.24 -32.32 23.47
C SER F 138 -19.68 -33.74 23.51
N ALA F 139 -19.28 -34.25 22.36
CA ALA F 139 -18.62 -35.53 22.30
C ALA F 139 -17.12 -35.47 22.70
N GLN F 140 -16.64 -34.30 23.11
CA GLN F 140 -15.28 -34.12 23.65
C GLN F 140 -15.45 -34.06 25.15
N PHE F 141 -16.55 -33.46 25.57
CA PHE F 141 -16.89 -33.27 26.95
C PHE F 141 -18.24 -33.93 27.20
N PRO F 142 -18.28 -35.29 27.17
CA PRO F 142 -19.49 -36.04 27.45
C PRO F 142 -20.15 -35.59 28.72
N ASN F 143 -21.47 -35.52 28.69
CA ASN F 143 -22.29 -35.00 29.80
C ASN F 143 -22.43 -33.51 29.83
N TRP F 144 -21.75 -32.82 28.93
CA TRP F 144 -22.02 -31.41 28.70
C TRP F 144 -22.92 -31.28 27.46
N TYR F 145 -24.04 -30.61 27.65
CA TYR F 145 -25.11 -30.63 26.70
C TYR F 145 -25.30 -29.23 26.17
N ILE F 146 -25.33 -29.08 24.84
CA ILE F 146 -25.74 -27.79 24.32
C ILE F 146 -27.02 -27.42 25.07
N SER F 147 -27.04 -26.21 25.61
CA SER F 147 -28.01 -25.88 26.61
C SER F 147 -28.36 -24.45 26.52
N THR F 148 -29.53 -24.14 27.06
CA THR F 148 -30.07 -22.82 27.06
C THR F 148 -30.54 -22.57 28.43
N SER F 149 -30.64 -21.30 28.80
CA SER F 149 -31.35 -20.96 30.02
C SER F 149 -32.85 -21.11 29.73
N GLN F 150 -33.65 -21.08 30.79
CA GLN F 150 -35.11 -20.97 30.69
C GLN F 150 -35.50 -19.52 30.43
N ALA F 151 -34.65 -18.60 30.89
CA ALA F 151 -34.95 -17.17 30.76
C ALA F 151 -34.86 -16.68 29.30
N GLU F 152 -35.45 -15.52 29.03
CA GLU F 152 -35.26 -14.83 27.74
C GLU F 152 -33.82 -14.33 27.52
N ASN F 153 -33.43 -14.14 26.27
CA ASN F 153 -32.29 -13.24 25.96
C ASN F 153 -31.07 -13.53 26.81
N MET F 154 -30.75 -14.81 26.86
CA MET F 154 -29.73 -15.27 27.73
C MET F 154 -28.73 -15.77 26.79
N PRO F 155 -27.46 -15.54 27.12
CA PRO F 155 -26.54 -16.26 26.27
C PRO F 155 -26.88 -17.74 26.29
N VAL F 156 -26.84 -18.37 25.13
CA VAL F 156 -26.93 -19.80 25.06
C VAL F 156 -25.59 -20.23 25.65
N PHE F 157 -25.59 -21.31 26.43
CA PHE F 157 -24.34 -21.80 27.07
C PHE F 157 -24.17 -23.31 26.95
N LEU F 158 -23.07 -23.82 27.50
CA LEU F 158 -22.88 -25.25 27.64
C LEU F 158 -22.98 -25.62 29.12
N GLY F 159 -23.82 -26.62 29.41
CA GLY F 159 -24.16 -26.98 30.76
C GLY F 159 -23.96 -28.47 31.00
N GLY F 160 -23.49 -28.80 32.20
CA GLY F 160 -23.59 -30.14 32.77
C GLY F 160 -24.11 -29.91 34.17
N THR F 161 -25.32 -30.35 34.45
CA THR F 161 -25.98 -29.84 35.65
C THR F 161 -26.98 -30.78 36.30
N LYS F 162 -27.24 -30.46 37.56
CA LYS F 162 -28.53 -30.71 38.16
C LYS F 162 -29.52 -29.98 37.25
N GLY F 163 -30.01 -30.69 36.23
CA GLY F 163 -30.76 -30.06 35.14
C GLY F 163 -32.14 -29.54 35.57
N GLY F 164 -32.13 -28.44 36.31
CA GLY F 164 -33.33 -27.69 36.66
C GLY F 164 -33.26 -26.32 36.01
N GLN F 165 -32.17 -25.62 36.27
CA GLN F 165 -31.95 -24.27 35.77
C GLN F 165 -31.91 -24.14 34.24
N ASP F 166 -31.55 -25.21 33.54
CA ASP F 166 -31.01 -25.10 32.17
C ASP F 166 -31.53 -26.17 31.21
N ILE F 167 -32.13 -25.74 30.09
CA ILE F 167 -32.77 -26.67 29.17
C ILE F 167 -31.75 -27.39 28.30
N THR F 168 -32.01 -28.64 27.92
CA THR F 168 -31.06 -29.36 27.08
C THR F 168 -31.69 -30.17 25.97
N ASP F 169 -32.97 -30.02 25.73
CA ASP F 169 -33.60 -30.79 24.65
C ASP F 169 -34.22 -29.88 23.63
N PHE F 170 -34.11 -30.28 22.37
CA PHE F 170 -34.50 -29.40 21.25
C PHE F 170 -35.28 -30.13 20.14
N THR F 171 -35.98 -29.35 19.35
CA THR F 171 -36.57 -29.80 18.10
C THR F 171 -35.76 -29.18 16.94
N MET F 172 -35.75 -29.86 15.79
CA MET F 172 -35.10 -29.37 14.58
C MET F 172 -36.13 -29.35 13.46
N GLN F 173 -36.19 -28.26 12.71
CA GLN F 173 -37.17 -28.08 11.63
C GLN F 173 -36.43 -27.80 10.32
N PHE F 174 -36.70 -28.63 9.31
CA PHE F 174 -36.04 -28.56 8.00
C PHE F 174 -36.33 -27.24 7.32
N VAL F 175 -35.41 -26.77 6.49
CA VAL F 175 -35.62 -25.52 5.77
C VAL F 175 -35.09 -25.64 4.35
N SER F 176 -35.84 -25.05 3.42
CA SER F 176 -35.54 -25.11 1.98
C SER F 176 -34.50 -24.07 1.60
C1 GOL G . -17.52 11.16 -28.89
O1 GOL G . -16.25 10.92 -28.30
C2 GOL G . -17.51 12.52 -29.60
O2 GOL G . -18.86 12.87 -29.87
C3 GOL G . -16.86 13.64 -28.79
O3 GOL G . -16.17 14.50 -29.69
C1 GOL H . -7.57 0.63 -27.17
O1 GOL H . -8.53 -0.10 -27.93
C2 GOL H . -6.37 1.14 -28.03
O2 GOL H . -6.31 0.58 -29.36
C3 GOL H . -6.37 2.68 -28.02
O3 GOL H . -5.32 3.40 -28.67
C1 GOL I . -15.67 -8.97 -32.19
O1 GOL I . -16.11 -10.34 -31.93
C2 GOL I . -16.44 -7.95 -31.35
O2 GOL I . -16.38 -8.44 -30.00
C3 GOL I . -15.85 -6.56 -31.49
O3 GOL I . -16.72 -5.40 -31.33
C1 GOL J . -17.44 9.25 -35.89
O1 GOL J . -17.92 8.71 -34.66
C2 GOL J . -17.05 8.16 -36.88
O2 GOL J . -17.64 6.91 -36.52
C3 GOL J . -17.49 8.52 -38.32
O3 GOL J . -17.03 7.53 -39.27
C1 GOL K . -0.35 3.07 5.11
O1 GOL K . 1.06 3.10 5.28
C2 GOL K . -1.10 4.40 5.06
O2 GOL K . -2.39 3.96 5.36
C3 GOL K . -0.70 5.50 6.06
O3 GOL K . -1.74 6.48 6.31
C1 GOL L . 7.21 23.53 17.46
O1 GOL L . 6.91 22.45 16.53
C2 GOL L . 6.09 24.56 17.46
O2 GOL L . 6.16 25.18 16.18
C3 GOL L . 6.14 25.58 18.62
O3 GOL L . 7.34 26.41 18.72
C1 GOL M . 8.94 6.65 25.82
O1 GOL M . 10.26 6.33 26.22
C2 GOL M . 8.50 7.93 26.52
O2 GOL M . 7.61 7.60 27.54
C3 GOL M . 7.73 8.82 25.52
O3 GOL M . 7.25 10.07 26.03
C1 GOL N . 15.68 -3.57 32.01
O1 GOL N . 15.61 -3.61 33.43
C2 GOL N . 15.14 -2.24 31.59
O2 GOL N . 14.40 -1.74 32.72
C3 GOL N . 16.23 -1.25 31.20
O3 GOL N . 16.46 -0.29 32.24
#